data_5F7H
#
_entry.id   5F7H
#
_cell.length_a   212.444
_cell.length_b   65.034
_cell.length_c   68.851
_cell.angle_alpha   90.00
_cell.angle_beta   108.55
_cell.angle_gamma   90.00
#
_symmetry.space_group_name_H-M   'C 1 2 1'
#
loop_
_entity.id
_entity.type
_entity.pdbx_description
1 polymer 'T-cell immunoglobulin and mucin domain-containing protein 4'
2 non-polymer 'CALCIUM ION'
3 non-polymer PHOSPHOSERINE
4 water water
#
_entity_poly.entity_id   1
_entity_poly.type   'polypeptide(L)'
_entity_poly.pdbx_seq_one_letter_code
;SETVVTEVLGHRVTLPCLYSSWSHNSNSMCWGKDQCPYSGCKEALIRTDGMRVTSRKSAKYRLQGTIPRGDVSLTILNPS
ESDSGVYCCRIEVPGWFNDVKINVRLNLQRALV
;
_entity_poly.pdbx_strand_id   B,A,C,D,E,F
#
# COMPACT_ATOMS: atom_id res chain seq x y z
N SER A 1 1.73 35.31 13.16
CA SER A 1 1.17 36.58 12.71
C SER A 1 -0.38 36.57 12.68
N GLU A 2 -1.00 37.32 13.58
CA GLU A 2 -2.45 37.33 13.66
C GLU A 2 -3.03 38.74 13.75
N THR A 3 -4.28 38.88 13.33
CA THR A 3 -5.03 40.12 13.52
C THR A 3 -6.00 39.94 14.68
N VAL A 4 -6.06 40.91 15.58
CA VAL A 4 -6.96 40.81 16.73
C VAL A 4 -8.21 41.64 16.43
N VAL A 5 -9.36 41.01 16.64
CA VAL A 5 -10.64 41.67 16.48
C VAL A 5 -11.35 41.64 17.81
N THR A 6 -11.85 42.80 18.23
CA THR A 6 -12.53 42.94 19.51
C THR A 6 -13.96 43.41 19.33
N GLU A 7 -14.87 42.70 19.96
CA GLU A 7 -16.30 43.01 19.83
C GLU A 7 -16.98 42.86 21.16
N VAL A 8 -17.64 43.92 21.62
CA VAL A 8 -18.49 43.86 22.82
C VAL A 8 -19.82 44.54 22.45
N LEU A 9 -20.92 43.80 22.25
CA LEU A 9 -21.21 42.49 22.81
C LEU A 9 -22.01 41.50 21.93
N GLY A 10 -22.47 41.90 20.73
CA GLY A 10 -23.21 40.94 19.88
C GLY A 10 -24.47 41.19 19.01
N HIS A 11 -24.34 40.77 17.75
CA HIS A 11 -25.40 40.52 16.77
C HIS A 11 -24.80 39.90 15.50
N ARG A 12 -23.68 40.47 15.04
CA ARG A 12 -22.79 39.81 14.07
C ARG A 12 -21.38 40.43 14.07
N VAL A 13 -20.38 39.65 13.66
CA VAL A 13 -18.99 40.10 13.62
C VAL A 13 -18.24 39.42 12.49
N THR A 14 -17.39 40.17 11.80
CA THR A 14 -16.63 39.62 10.67
C THR A 14 -15.12 39.49 10.97
N LEU A 15 -14.52 38.38 10.56
CA LEU A 15 -13.09 38.13 10.78
C LEU A 15 -12.39 38.21 9.44
N PRO A 16 -11.47 39.20 9.26
CA PRO A 16 -10.91 39.49 7.94
C PRO A 16 -9.98 38.43 7.38
N CYS A 17 -10.16 38.12 6.10
CA CYS A 17 -9.22 37.30 5.37
C CYS A 17 -9.29 37.65 3.90
N LEU A 18 -8.14 38.07 3.37
CA LEU A 18 -8.03 38.51 1.99
C LEU A 18 -6.87 37.78 1.29
N TYR A 19 -7.12 37.31 0.08
CA TYR A 19 -6.10 36.67 -0.75
C TYR A 19 -6.27 37.22 -2.17
N SER A 20 -5.64 38.35 -2.44
CA SER A 20 -5.98 39.13 -3.63
C SER A 20 -5.69 38.49 -4.97
N SER A 21 -4.77 37.55 -5.01
CA SER A 21 -4.41 36.93 -6.29
C SER A 21 -5.31 35.75 -6.66
N TRP A 22 -6.28 35.46 -5.78
CA TRP A 22 -7.26 34.38 -5.95
C TRP A 22 -7.69 34.13 -7.40
N SER A 23 -7.74 32.86 -7.79
CA SER A 23 -8.26 32.47 -9.08
C SER A 23 -9.30 31.38 -8.86
N HIS A 24 -10.48 31.53 -9.48
CA HIS A 24 -11.55 30.55 -9.28
C HIS A 24 -11.19 29.19 -9.84
N ASN A 25 -10.23 29.15 -10.75
CA ASN A 25 -9.75 27.89 -11.32
C ASN A 25 -8.65 27.22 -10.49
N SER A 26 -8.12 27.92 -9.49
CA SER A 26 -7.03 27.34 -8.67
C SER A 26 -7.38 27.26 -7.20
N ASN A 27 -8.12 28.24 -6.69
CA ASN A 27 -8.19 28.41 -5.26
C ASN A 27 -9.47 27.89 -4.59
N SER A 28 -9.33 27.61 -3.30
CA SER A 28 -10.43 27.26 -2.44
C SER A 28 -9.91 27.53 -1.04
N MET A 29 -10.78 27.63 -0.05
CA MET A 29 -10.33 27.91 1.30
C MET A 29 -11.29 27.35 2.30
N CYS A 30 -10.90 27.39 3.56
CA CYS A 30 -11.79 27.00 4.63
C CYS A 30 -11.39 27.75 5.88
N TRP A 31 -12.29 27.79 6.86
CA TRP A 31 -11.97 28.38 8.14
C TRP A 31 -12.00 27.30 9.22
N GLY A 32 -11.17 27.45 10.24
CA GLY A 32 -11.20 26.51 11.35
C GLY A 32 -11.09 27.22 12.67
N LYS A 33 -11.58 26.60 13.73
CA LYS A 33 -11.53 27.20 15.05
C LYS A 33 -10.41 26.59 15.88
N ASP A 34 -9.64 27.40 16.59
CA ASP A 34 -8.52 26.95 17.45
C ASP A 34 -7.22 26.62 16.67
N GLN A 35 -7.35 25.84 15.61
CA GLN A 35 -6.19 25.47 14.81
C GLN A 35 -6.56 25.56 13.35
N CYS A 36 -5.56 25.71 12.48
CA CYS A 36 -5.84 25.66 11.05
C CYS A 36 -6.34 24.26 10.66
N PRO A 37 -7.35 24.20 9.78
CA PRO A 37 -7.72 22.87 9.28
C PRO A 37 -6.58 22.27 8.44
N TYR A 38 -6.58 20.95 8.29
CA TYR A 38 -5.54 20.28 7.52
C TYR A 38 -5.75 20.49 6.03
N SER A 39 -4.67 20.32 5.26
CA SER A 39 -4.74 20.27 3.81
C SER A 39 -5.94 19.44 3.40
N GLY A 40 -6.76 19.97 2.49
CA GLY A 40 -7.94 19.27 2.05
C GLY A 40 -9.19 19.87 2.63
N CYS A 41 -9.02 20.60 3.74
CA CYS A 41 -10.10 21.41 4.30
C CYS A 41 -11.32 20.65 4.82
N LYS A 42 -11.18 19.38 5.18
CA LYS A 42 -12.34 18.65 5.72
C LYS A 42 -12.53 18.96 7.20
N GLU A 43 -13.75 18.71 7.69
CA GLU A 43 -14.16 19.07 9.06
C GLU A 43 -13.68 20.48 9.43
N ALA A 44 -14.37 21.47 8.89
CA ALA A 44 -14.05 22.87 9.11
C ALA A 44 -15.33 23.61 9.46
N LEU A 45 -15.23 24.90 9.77
CA LEU A 45 -16.42 25.69 10.09
C LEU A 45 -17.21 25.98 8.82
N ILE A 46 -16.50 26.23 7.75
CA ILE A 46 -17.08 26.64 6.48
C ILE A 46 -15.98 26.41 5.44
N ARG A 47 -16.37 26.26 4.19
CA ARG A 47 -15.44 25.85 3.16
C ARG A 47 -15.97 26.25 1.79
N THR A 48 -15.07 26.55 0.85
CA THR A 48 -15.51 26.98 -0.48
C THR A 48 -14.74 26.21 -1.54
N ASP A 49 -15.21 26.28 -2.78
CA ASP A 49 -14.36 25.96 -3.91
C ASP A 49 -13.84 27.26 -4.49
N GLY A 50 -13.71 27.33 -5.80
CA GLY A 50 -13.25 28.55 -6.42
C GLY A 50 -14.26 29.67 -6.51
N MET A 51 -15.55 29.33 -6.34
CA MET A 51 -16.66 30.28 -6.55
C MET A 51 -17.52 30.58 -5.32
N ARG A 52 -17.79 29.56 -4.50
CA ARG A 52 -18.85 29.64 -3.50
C ARG A 52 -18.65 28.70 -2.32
N VAL A 53 -19.31 28.98 -1.21
CA VAL A 53 -19.36 28.05 -0.08
C VAL A 53 -19.88 26.71 -0.60
N THR A 54 -19.37 25.61 -0.05
CA THR A 54 -19.79 24.29 -0.50
C THR A 54 -20.26 23.43 0.66
N SER A 55 -20.02 23.91 1.88
CA SER A 55 -20.55 23.30 3.10
C SER A 55 -20.14 24.15 4.30
N ARG A 56 -20.83 23.97 5.42
CA ARG A 56 -20.47 24.66 6.66
C ARG A 56 -20.99 23.87 7.87
N LYS A 57 -20.37 24.10 9.02
CA LYS A 57 -20.78 23.40 10.24
C LYS A 57 -22.20 23.78 10.66
N SER A 58 -22.57 25.04 10.44
CA SER A 58 -23.94 25.49 10.65
C SER A 58 -24.18 26.80 9.96
N ALA A 59 -25.40 27.31 10.11
CA ALA A 59 -25.84 28.51 9.42
C ALA A 59 -25.23 29.77 10.05
N LYS A 60 -24.65 29.58 11.23
CA LYS A 60 -24.03 30.64 11.99
C LYS A 60 -22.83 31.27 11.25
N TYR A 61 -22.32 30.59 10.22
CA TYR A 61 -21.14 31.06 9.49
C TYR A 61 -21.45 31.42 8.06
N ARG A 62 -21.04 32.61 7.64
CA ARG A 62 -21.35 33.12 6.31
C ARG A 62 -20.10 33.71 5.68
N LEU A 63 -20.09 33.79 4.36
CA LEU A 63 -19.05 34.48 3.65
C LEU A 63 -19.74 35.43 2.68
N GLN A 64 -19.66 36.74 2.97
CA GLN A 64 -20.48 37.71 2.27
C GLN A 64 -19.77 38.44 1.15
N GLY A 65 -18.44 38.37 1.13
CA GLY A 65 -17.67 39.09 0.13
C GLY A 65 -17.56 38.27 -1.14
N THR A 66 -16.96 38.84 -2.18
CA THR A 66 -16.79 38.13 -3.43
C THR A 66 -15.64 37.10 -3.31
N ILE A 67 -16.01 35.82 -3.29
CA ILE A 67 -15.07 34.72 -3.18
C ILE A 67 -14.15 34.63 -4.41
N PRO A 68 -14.69 34.78 -5.62
CA PRO A 68 -13.79 34.85 -6.78
C PRO A 68 -12.77 36.02 -6.80
N ARG A 69 -12.87 36.94 -5.84
CA ARG A 69 -11.89 38.03 -5.72
C ARG A 69 -11.03 37.85 -4.47
N GLY A 70 -11.24 36.73 -3.77
CA GLY A 70 -10.44 36.45 -2.59
C GLY A 70 -10.93 37.14 -1.33
N ASP A 71 -12.14 37.68 -1.38
CA ASP A 71 -12.74 38.27 -0.18
C ASP A 71 -13.45 37.15 0.58
N VAL A 72 -12.69 36.43 1.40
CA VAL A 72 -13.17 35.22 2.04
C VAL A 72 -13.31 35.40 3.55
N SER A 73 -13.45 36.64 3.99
CA SER A 73 -13.69 36.91 5.41
C SER A 73 -14.91 36.14 5.93
N LEU A 74 -14.81 35.64 7.16
CA LEU A 74 -15.88 34.89 7.81
C LEU A 74 -16.81 35.82 8.57
N THR A 75 -18.11 35.71 8.33
CA THR A 75 -19.09 36.39 9.18
C THR A 75 -19.68 35.38 10.13
N ILE A 76 -19.70 35.70 11.42
CA ILE A 76 -20.31 34.87 12.45
C ILE A 76 -21.60 35.54 12.96
N LEU A 77 -22.76 34.91 12.75
CA LEU A 77 -24.02 35.45 13.25
C LEU A 77 -24.16 35.25 14.76
N ASN A 78 -24.74 36.22 15.43
CA ASN A 78 -25.04 36.15 16.84
C ASN A 78 -23.93 35.56 17.69
N PRO A 79 -22.77 36.24 17.72
CA PRO A 79 -21.61 35.64 18.38
C PRO A 79 -21.76 35.71 19.90
N SER A 80 -21.15 34.75 20.61
CA SER A 80 -21.23 34.75 22.07
C SER A 80 -19.88 34.42 22.64
N GLU A 81 -19.75 34.48 23.96
CA GLU A 81 -18.49 34.21 24.65
C GLU A 81 -17.72 33.02 24.11
N SER A 82 -18.40 31.88 23.92
CA SER A 82 -17.69 30.67 23.46
C SER A 82 -17.19 30.81 22.02
N ASP A 83 -17.65 31.85 21.32
CA ASP A 83 -17.15 32.13 19.97
C ASP A 83 -15.79 32.80 19.98
N SER A 84 -15.32 33.18 21.17
N SER A 84 -15.31 33.19 21.15
CA SER A 84 -14.00 33.78 21.33
CA SER A 84 -14.02 33.87 21.24
C SER A 84 -12.91 32.81 20.92
C SER A 84 -12.86 32.88 21.18
N GLY A 85 -11.72 33.35 20.69
CA GLY A 85 -10.55 32.52 20.53
C GLY A 85 -9.95 32.69 19.16
N VAL A 86 -9.11 31.73 18.80
CA VAL A 86 -8.34 31.79 17.58
C VAL A 86 -9.11 31.17 16.42
N TYR A 87 -8.98 31.77 15.25
CA TYR A 87 -9.59 31.23 14.04
C TYR A 87 -8.50 31.28 13.00
N CYS A 88 -8.57 30.39 12.02
CA CYS A 88 -7.55 30.32 10.99
C CYS A 88 -8.15 30.19 9.61
N CYS A 89 -7.72 31.08 8.73
CA CYS A 89 -8.23 31.11 7.38
C CYS A 89 -7.18 30.45 6.48
N ARG A 90 -7.53 29.29 5.92
CA ARG A 90 -6.56 28.52 5.15
C ARG A 90 -6.80 28.64 3.66
N ILE A 91 -5.89 29.30 2.94
CA ILE A 91 -6.02 29.41 1.49
C ILE A 91 -5.36 28.22 0.81
N GLU A 92 -6.11 27.53 -0.02
CA GLU A 92 -5.54 26.38 -0.70
C GLU A 92 -4.92 26.80 -2.01
N VAL A 93 -3.65 26.49 -2.16
CA VAL A 93 -2.86 26.90 -3.31
C VAL A 93 -2.29 25.65 -3.94
N PRO A 94 -2.32 25.57 -5.28
CA PRO A 94 -1.83 24.39 -5.99
C PRO A 94 -0.38 24.03 -5.68
N GLY A 95 -0.10 22.74 -5.52
CA GLY A 95 1.21 22.29 -5.11
C GLY A 95 1.16 21.89 -3.65
N TRP A 96 2.26 21.38 -3.13
CA TRP A 96 2.29 21.00 -1.74
C TRP A 96 3.16 21.94 -0.91
N PHE A 97 2.92 21.94 0.40
CA PHE A 97 3.69 22.75 1.34
C PHE A 97 3.71 24.23 0.98
N ASN A 98 2.55 24.75 0.58
CA ASN A 98 2.48 26.13 0.10
C ASN A 98 1.14 26.84 0.40
N ASP A 99 0.27 26.21 1.19
CA ASP A 99 -1.00 26.84 1.53
C ASP A 99 -0.74 28.02 2.45
N VAL A 100 -1.52 29.09 2.28
CA VAL A 100 -1.41 30.27 3.13
C VAL A 100 -2.30 30.19 4.38
N LYS A 101 -1.73 30.48 5.53
CA LYS A 101 -2.47 30.40 6.80
C LYS A 101 -2.61 31.78 7.46
N ILE A 102 -3.84 32.30 7.49
CA ILE A 102 -4.11 33.61 8.11
C ILE A 102 -4.88 33.46 9.42
N ASN A 103 -4.34 34.01 10.49
CA ASN A 103 -4.92 33.89 11.81
C ASN A 103 -5.57 35.17 12.30
N VAL A 104 -6.76 35.02 12.89
CA VAL A 104 -7.47 36.11 13.51
C VAL A 104 -7.81 35.64 14.90
N ARG A 105 -7.50 36.42 15.92
CA ARG A 105 -7.99 36.12 17.25
C ARG A 105 -9.24 36.96 17.52
N LEU A 106 -10.38 36.31 17.79
CA LEU A 106 -11.61 37.04 18.09
C LEU A 106 -11.79 37.23 19.60
N ASN A 107 -11.78 38.48 20.05
CA ASN A 107 -12.14 38.80 21.42
C ASN A 107 -13.59 39.19 21.52
N LEU A 108 -14.43 38.27 21.98
CA LEU A 108 -15.83 38.61 22.13
C LEU A 108 -16.19 38.82 23.59
N GLN A 109 -16.50 40.07 23.93
CA GLN A 109 -16.79 40.42 25.32
C GLN A 109 -18.20 40.97 25.53
N ARG A 110 -18.47 41.27 26.79
CA ARG A 110 -19.64 42.01 27.18
C ARG A 110 -19.21 43.25 27.97
N ALA A 111 -20.09 44.25 28.00
CA ALA A 111 -19.88 45.48 28.75
C ALA A 111 -19.74 45.13 30.23
N LEU A 112 -18.97 45.92 30.97
CA LEU A 112 -18.64 45.57 32.36
C LEU A 112 -19.68 45.97 33.41
N VAL A 113 -20.07 47.24 33.44
CA VAL A 113 -21.06 47.74 34.40
C VAL A 113 -20.63 47.62 35.86
N SER B 1 -22.23 11.39 -13.27
CA SER B 1 -21.52 10.21 -12.78
C SER B 1 -20.00 10.34 -12.92
N GLU B 2 -19.28 10.28 -11.81
CA GLU B 2 -17.83 10.22 -11.84
C GLU B 2 -17.33 9.16 -10.86
N THR B 3 -16.33 8.40 -11.27
CA THR B 3 -15.65 7.50 -10.36
C THR B 3 -14.58 8.32 -9.64
N VAL B 4 -14.49 8.17 -8.33
CA VAL B 4 -13.43 8.83 -7.57
C VAL B 4 -12.31 7.86 -7.20
N VAL B 5 -11.11 8.16 -7.69
CA VAL B 5 -9.93 7.41 -7.36
C VAL B 5 -9.07 8.24 -6.43
N THR B 6 -8.64 7.64 -5.31
CA THR B 6 -7.84 8.36 -4.33
C THR B 6 -6.47 7.71 -4.14
N GLU B 7 -5.41 8.52 -4.29
CA GLU B 7 -4.05 8.00 -4.14
C GLU B 7 -3.24 8.88 -3.19
N VAL B 8 -2.44 8.24 -2.34
CA VAL B 8 -1.49 8.94 -1.50
C VAL B 8 -0.24 8.06 -1.33
N LEU B 9 0.86 8.38 -2.01
CA LEU B 9 1.16 9.71 -2.57
C LEU B 9 1.79 9.68 -3.96
N GLY B 10 2.19 8.50 -4.45
CA GLY B 10 2.67 8.43 -5.83
C GLY B 10 3.93 7.68 -6.33
N HIS B 11 3.74 7.12 -7.53
CA HIS B 11 4.77 6.63 -8.45
C HIS B 11 4.11 6.17 -9.76
N ARG B 12 2.90 5.62 -9.65
CA ARG B 12 2.06 5.32 -10.81
C ARG B 12 0.60 5.26 -10.33
N VAL B 13 -0.33 5.65 -11.20
CA VAL B 13 -1.75 5.54 -10.84
C VAL B 13 -2.62 5.36 -12.07
N THR B 14 -3.62 4.49 -11.94
CA THR B 14 -4.47 4.15 -13.09
C THR B 14 -5.92 4.62 -12.91
N LEU B 15 -6.45 5.29 -13.92
CA LEU B 15 -7.84 5.76 -13.89
C LEU B 15 -8.69 4.92 -14.83
N PRO B 16 -9.71 4.26 -14.27
CA PRO B 16 -10.54 3.27 -14.96
C PRO B 16 -11.39 3.83 -16.10
N CYS B 17 -11.28 3.20 -17.27
CA CYS B 17 -12.25 3.45 -18.32
C CYS B 17 -12.49 2.18 -19.13
N LEU B 18 -13.73 1.71 -19.11
CA LEU B 18 -14.10 0.49 -19.81
C LEU B 18 -15.16 0.72 -20.86
N TYR B 19 -14.97 0.13 -22.03
CA TYR B 19 -15.98 0.07 -23.07
C TYR B 19 -16.00 -1.33 -23.68
N SER B 20 -16.73 -2.23 -23.05
CA SER B 20 -16.69 -3.66 -23.38
C SER B 20 -17.11 -4.03 -24.80
N SER B 21 -17.98 -3.24 -25.41
CA SER B 21 -18.42 -3.51 -26.78
C SER B 21 -17.50 -2.86 -27.81
N TRP B 22 -16.24 -2.64 -27.44
CA TRP B 22 -15.24 -2.02 -28.31
C TRP B 22 -14.91 -2.84 -29.55
N SER B 23 -14.86 -2.18 -30.71
CA SER B 23 -14.42 -2.83 -31.93
C SER B 23 -13.40 -1.99 -32.70
N HIS B 24 -12.25 -2.59 -32.99
CA HIS B 24 -11.14 -1.90 -33.63
C HIS B 24 -11.53 -1.33 -34.99
N ASN B 25 -12.55 -1.91 -35.60
CA ASN B 25 -13.05 -1.42 -36.88
C ASN B 25 -13.93 -0.17 -36.76
N SER B 26 -14.43 0.10 -35.56
CA SER B 26 -15.39 1.19 -35.39
C SER B 26 -15.01 2.21 -34.32
N ASN B 27 -14.19 1.80 -33.35
CA ASN B 27 -13.99 2.67 -32.20
C ASN B 27 -12.62 3.34 -32.09
N SER B 28 -12.55 4.32 -31.20
CA SER B 28 -11.31 5.03 -30.88
C SER B 28 -11.61 5.91 -29.68
N MET B 29 -10.60 6.24 -28.88
CA MET B 29 -10.86 7.08 -27.71
C MET B 29 -9.80 8.15 -27.46
N CYS B 30 -9.97 8.91 -26.39
CA CYS B 30 -8.97 9.87 -25.95
C CYS B 30 -9.26 10.33 -24.53
N TRP B 31 -8.21 10.64 -23.79
CA TRP B 31 -8.35 11.17 -22.45
C TRP B 31 -8.16 12.68 -22.46
N GLY B 32 -8.71 13.35 -21.45
CA GLY B 32 -8.63 14.79 -21.35
C GLY B 32 -8.68 15.23 -19.90
N LYS B 33 -8.04 16.35 -19.60
CA LYS B 33 -8.08 16.88 -18.25
C LYS B 33 -9.09 18.02 -18.19
N ASP B 34 -9.71 18.23 -17.02
CA ASP B 34 -10.64 19.33 -16.77
C ASP B 34 -12.01 19.17 -17.46
N GLN B 35 -11.99 18.94 -18.76
CA GLN B 35 -13.21 18.60 -19.49
C GLN B 35 -12.90 17.54 -20.55
N CYS B 36 -13.94 17.03 -21.19
CA CYS B 36 -13.77 16.00 -22.20
C CYS B 36 -13.30 16.61 -23.49
N PRO B 37 -12.35 15.98 -24.17
CA PRO B 37 -11.90 16.52 -25.46
C PRO B 37 -13.06 16.55 -26.45
N TYR B 38 -13.02 17.44 -27.43
CA TYR B 38 -14.06 17.50 -28.45
C TYR B 38 -13.94 16.33 -29.40
N SER B 39 -14.98 16.07 -30.18
CA SER B 39 -14.94 14.98 -31.14
C SER B 39 -13.77 15.15 -32.07
N GLY B 40 -13.14 14.04 -32.45
CA GLY B 40 -11.96 14.09 -33.28
C GLY B 40 -10.74 13.83 -32.42
N CYS B 41 -10.89 14.17 -31.14
CA CYS B 41 -9.91 13.81 -30.11
C CYS B 41 -8.53 14.45 -30.26
N LYS B 42 -8.46 15.53 -31.03
CA LYS B 42 -7.24 16.32 -31.06
C LYS B 42 -7.33 17.17 -29.80
N GLU B 43 -6.18 17.63 -29.30
CA GLU B 43 -6.13 18.42 -28.05
C GLU B 43 -6.31 17.49 -26.83
N ALA B 44 -5.45 16.48 -26.71
CA ALA B 44 -5.68 15.50 -25.66
C ALA B 44 -4.42 14.88 -25.03
N LEU B 45 -4.54 14.49 -23.77
CA LEU B 45 -3.47 13.82 -23.04
C LEU B 45 -2.94 12.61 -23.82
N ILE B 46 -3.86 11.76 -24.25
CA ILE B 46 -3.55 10.59 -25.05
C ILE B 46 -4.76 10.25 -25.94
N ARG B 47 -4.55 9.44 -26.97
CA ARG B 47 -5.52 9.24 -28.02
C ARG B 47 -5.22 7.93 -28.76
N THR B 48 -6.25 7.16 -29.09
CA THR B 48 -6.03 5.94 -29.84
C THR B 48 -6.73 5.94 -31.18
N ASP B 49 -6.58 4.83 -31.88
CA ASP B 49 -7.47 4.48 -32.97
C ASP B 49 -8.16 3.17 -32.56
N GLY B 50 -8.37 2.27 -33.51
CA GLY B 50 -8.98 1.00 -33.19
C GLY B 50 -8.13 0.07 -32.36
N MET B 51 -6.82 0.11 -32.59
CA MET B 51 -5.88 -0.87 -32.02
C MET B 51 -4.94 -0.30 -30.98
N ARG B 52 -4.42 0.91 -31.22
CA ARG B 52 -3.25 1.37 -30.49
C ARG B 52 -3.21 2.86 -30.25
N VAL B 53 -2.39 3.27 -29.29
CA VAL B 53 -2.12 4.67 -29.02
C VAL B 53 -1.45 5.28 -30.24
N THR B 54 -1.88 6.48 -30.61
CA THR B 54 -1.39 7.13 -31.83
C THR B 54 -0.70 8.45 -31.53
N SER B 55 -0.94 9.02 -30.35
CA SER B 55 -0.21 10.21 -29.92
C SER B 55 -0.46 10.47 -28.46
N ARG B 56 0.34 11.36 -27.86
CA ARG B 56 0.18 11.73 -26.45
C ARG B 56 0.85 13.07 -26.11
N LYS B 57 0.28 13.77 -25.13
CA LYS B 57 0.85 15.03 -24.63
C LYS B 57 2.29 14.83 -24.14
N SER B 58 2.60 13.63 -23.65
CA SER B 58 3.90 13.32 -23.06
C SER B 58 3.92 11.86 -22.64
N ALA B 59 5.09 11.34 -22.30
CA ALA B 59 5.22 9.91 -22.01
C ALA B 59 4.80 9.57 -20.58
N LYS B 60 4.34 10.59 -19.87
CA LYS B 60 3.73 10.44 -18.56
C LYS B 60 2.45 9.58 -18.65
N TYR B 61 1.81 9.61 -19.81
CA TYR B 61 0.51 8.97 -20.00
C TYR B 61 0.61 7.65 -20.75
N ARG B 62 0.02 6.61 -20.18
CA ARG B 62 0.14 5.28 -20.77
C ARG B 62 -1.20 4.52 -20.76
N LEU B 63 -1.43 3.73 -21.81
CA LEU B 63 -2.53 2.76 -21.84
C LEU B 63 -1.97 1.34 -21.87
N GLN B 64 -2.03 0.66 -20.74
CA GLN B 64 -1.43 -0.66 -20.60
C GLN B 64 -2.38 -1.82 -20.89
N GLY B 65 -3.69 -1.56 -20.83
CA GLY B 65 -4.70 -2.57 -21.09
C GLY B 65 -4.84 -2.92 -22.56
N THR B 66 -5.74 -3.86 -22.85
CA THR B 66 -5.98 -4.31 -24.20
C THR B 66 -6.98 -3.38 -24.88
N ILE B 67 -6.46 -2.51 -25.75
CA ILE B 67 -7.28 -1.54 -26.47
C ILE B 67 -8.37 -2.15 -27.38
N PRO B 68 -8.04 -3.21 -28.16
CA PRO B 68 -9.14 -3.76 -28.98
C PRO B 68 -10.23 -4.42 -28.12
N ARG B 69 -9.98 -4.55 -26.83
CA ARG B 69 -10.94 -5.14 -25.91
C ARG B 69 -11.57 -4.10 -24.99
N GLY B 70 -11.38 -2.82 -25.32
CA GLY B 70 -12.02 -1.74 -24.58
C GLY B 70 -11.46 -1.40 -23.21
N ASP B 71 -10.31 -1.99 -22.85
CA ASP B 71 -9.63 -1.63 -21.62
C ASP B 71 -8.72 -0.48 -21.93
N VAL B 72 -9.23 0.73 -21.73
CA VAL B 72 -8.53 1.92 -22.17
C VAL B 72 -8.23 2.84 -20.99
N SER B 73 -8.05 2.23 -19.82
CA SER B 73 -7.68 2.97 -18.61
C SER B 73 -6.41 3.75 -18.82
N LEU B 74 -6.35 4.93 -18.19
CA LEU B 74 -5.18 5.79 -18.28
C LEU B 74 -4.19 5.58 -17.13
N THR B 75 -2.95 5.25 -17.46
CA THR B 75 -1.91 5.17 -16.44
C THR B 75 -1.06 6.44 -16.48
N ILE B 76 -0.84 7.03 -15.30
CA ILE B 76 -0.12 8.29 -15.14
C ILE B 76 1.17 8.02 -14.35
N LEU B 77 2.34 8.14 -14.99
CA LEU B 77 3.60 7.88 -14.28
C LEU B 77 3.90 9.04 -13.34
N ASN B 78 4.39 8.72 -12.15
CA ASN B 78 4.84 9.74 -11.20
C ASN B 78 3.89 10.91 -11.01
N PRO B 79 2.66 10.64 -10.55
CA PRO B 79 1.73 11.77 -10.41
C PRO B 79 2.10 12.64 -9.24
N SER B 80 1.89 13.95 -9.36
CA SER B 80 2.00 14.88 -8.24
C SER B 80 0.68 15.62 -8.10
N GLU B 81 0.68 16.65 -7.24
CA GLU B 81 -0.56 17.37 -6.90
C GLU B 81 -1.28 17.95 -8.11
N SER B 82 -0.53 18.44 -9.09
CA SER B 82 -1.12 19.11 -10.24
C SER B 82 -1.92 18.12 -11.07
N ASP B 83 -1.57 16.85 -10.95
CA ASP B 83 -2.28 15.80 -11.68
C ASP B 83 -3.67 15.54 -11.10
N SER B 84 -3.90 16.01 -9.88
N SER B 84 -3.90 15.99 -9.87
CA SER B 84 -5.21 15.92 -9.25
CA SER B 84 -5.20 15.79 -9.25
C SER B 84 -6.24 16.63 -10.10
C SER B 84 -6.23 16.67 -9.96
N GLY B 85 -7.49 16.26 -9.93
CA GLY B 85 -8.56 16.93 -10.63
C GLY B 85 -9.33 15.96 -11.51
N VAL B 86 -10.21 16.50 -12.35
CA VAL B 86 -11.10 15.69 -13.16
C VAL B 86 -10.51 15.26 -14.50
N TYR B 87 -10.67 13.98 -14.81
CA TYR B 87 -10.28 13.43 -16.09
C TYR B 87 -11.53 12.90 -16.78
N CYS B 88 -11.51 12.95 -18.11
CA CYS B 88 -12.64 12.48 -18.88
C CYS B 88 -12.16 11.58 -19.99
N CYS B 89 -12.74 10.39 -20.01
CA CYS B 89 -12.43 9.40 -21.02
C CYS B 89 -13.55 9.42 -22.07
N ARG B 90 -13.22 9.77 -23.30
CA ARG B 90 -14.21 9.89 -24.36
C ARG B 90 -14.10 8.79 -25.39
N ILE B 91 -15.08 7.88 -25.38
CA ILE B 91 -15.16 6.81 -26.37
C ILE B 91 -15.91 7.28 -27.60
N GLU B 92 -15.29 7.15 -28.76
CA GLU B 92 -15.89 7.64 -29.99
C GLU B 92 -16.72 6.56 -30.63
N VAL B 93 -17.99 6.88 -30.89
CA VAL B 93 -18.93 5.95 -31.49
C VAL B 93 -19.39 6.54 -32.81
N PRO B 94 -19.34 5.73 -33.88
CA PRO B 94 -19.82 6.16 -35.20
C PRO B 94 -21.25 6.72 -35.15
N GLY B 95 -21.49 7.80 -35.88
CA GLY B 95 -22.76 8.50 -35.84
C GLY B 95 -22.66 9.65 -34.86
N TRP B 96 -23.69 10.49 -34.81
CA TRP B 96 -23.66 11.68 -33.97
C TRP B 96 -24.42 11.55 -32.65
N PHE B 97 -24.09 12.41 -31.69
CA PHE B 97 -24.77 12.49 -30.40
C PHE B 97 -24.83 11.15 -29.67
N ASN B 98 -23.71 10.44 -29.68
CA ASN B 98 -23.64 9.09 -29.13
C ASN B 98 -22.25 8.69 -28.56
N ASP B 99 -21.29 9.62 -28.57
CA ASP B 99 -20.01 9.34 -27.93
C ASP B 99 -20.22 9.19 -26.43
N VAL B 100 -19.58 8.18 -25.85
CA VAL B 100 -19.64 7.96 -24.41
C VAL B 100 -18.56 8.78 -23.69
N LYS B 101 -18.96 9.41 -22.59
CA LYS B 101 -18.09 10.27 -21.83
C LYS B 101 -18.01 9.76 -20.41
N ILE B 102 -16.88 9.16 -20.06
CA ILE B 102 -16.67 8.59 -18.73
C ILE B 102 -15.75 9.50 -17.89
N ASN B 103 -16.22 9.87 -16.70
CA ASN B 103 -15.55 10.81 -15.83
C ASN B 103 -14.92 10.14 -14.63
N VAL B 104 -13.66 10.46 -14.39
CA VAL B 104 -12.92 9.99 -13.24
C VAL B 104 -12.37 11.21 -12.55
N ARG B 105 -12.51 11.27 -11.23
CA ARG B 105 -11.86 12.32 -10.47
C ARG B 105 -10.71 11.71 -9.71
N LEU B 106 -9.51 12.28 -9.89
CA LEU B 106 -8.33 11.75 -9.19
C LEU B 106 -7.99 12.65 -8.03
N ASN B 107 -8.06 12.08 -6.83
CA ASN B 107 -7.68 12.81 -5.64
C ASN B 107 -6.28 12.36 -5.25
N LEU B 108 -5.28 13.12 -5.70
CA LEU B 108 -3.90 12.80 -5.42
C LEU B 108 -3.38 13.59 -4.23
N GLN B 109 -3.26 12.92 -3.08
CA GLN B 109 -2.88 13.57 -1.83
C GLN B 109 -1.49 13.17 -1.31
N ARG B 110 -1.17 13.62 -0.10
CA ARG B 110 0.07 13.26 0.56
C ARG B 110 -0.18 13.03 2.05
N ALA B 111 0.51 12.06 2.65
CA ALA B 111 0.40 11.81 4.09
C ALA B 111 0.58 13.10 4.91
N LEU B 112 -0.14 13.21 6.01
CA LEU B 112 -0.38 14.50 6.63
C LEU B 112 0.65 14.92 7.67
N VAL B 113 1.04 13.99 8.54
CA VAL B 113 2.10 14.22 9.54
C VAL B 113 1.85 15.42 10.45
N SER C 1 11.80 -1.11 9.70
CA SER C 1 13.08 -0.43 9.81
C SER C 1 13.70 -0.19 8.43
N GLU C 2 14.76 0.62 8.40
CA GLU C 2 15.56 0.84 7.20
C GLU C 2 17.01 0.47 7.48
N THR C 3 17.67 -0.12 6.49
CA THR C 3 19.09 -0.38 6.61
C THR C 3 19.85 0.43 5.57
N VAL C 4 20.83 1.20 6.05
CA VAL C 4 21.70 1.99 5.18
C VAL C 4 23.16 1.56 5.32
N VAL C 5 23.76 1.16 4.21
CA VAL C 5 25.17 0.84 4.17
C VAL C 5 25.87 1.93 3.40
N THR C 6 26.90 2.51 4.02
CA THR C 6 27.73 3.52 3.36
C THR C 6 29.18 3.06 3.19
N GLU C 7 29.69 3.21 1.97
CA GLU C 7 31.06 2.83 1.63
C GLU C 7 31.64 3.92 0.73
N VAL C 8 32.96 4.14 0.81
CA VAL C 8 33.65 5.09 -0.08
C VAL C 8 33.53 4.62 -1.52
N LEU C 9 33.23 5.54 -2.44
CA LEU C 9 33.15 5.25 -3.86
C LEU C 9 34.31 4.38 -4.38
N GLY C 10 34.00 3.35 -5.16
CA GLY C 10 34.99 2.50 -5.80
C GLY C 10 35.54 1.33 -4.99
N HIS C 11 35.16 1.24 -3.72
CA HIS C 11 35.50 0.13 -2.83
C HIS C 11 34.33 -0.90 -2.77
N ARG C 12 34.65 -2.19 -2.80
CA ARG C 12 33.61 -3.24 -2.73
C ARG C 12 32.76 -3.12 -1.46
N VAL C 13 31.46 -3.43 -1.60
CA VAL C 13 30.55 -3.23 -0.50
C VAL C 13 29.52 -4.38 -0.40
N THR C 14 29.14 -4.73 0.82
CA THR C 14 28.21 -5.82 1.00
C THR C 14 26.90 -5.43 1.70
N LEU C 15 25.80 -5.65 1.00
CA LEU C 15 24.47 -5.37 1.52
C LEU C 15 23.92 -6.66 2.16
N PRO C 16 23.64 -6.60 3.46
CA PRO C 16 23.10 -7.72 4.23
C PRO C 16 21.68 -8.18 3.79
N CYS C 17 21.55 -9.46 3.50
CA CYS C 17 20.24 -10.08 3.36
C CYS C 17 20.27 -11.49 3.97
N LEU C 18 19.58 -11.61 5.09
CA LEU C 18 19.48 -12.84 5.84
C LEU C 18 18.11 -13.46 5.85
N TYR C 19 18.01 -14.70 5.39
CA TYR C 19 16.82 -15.52 5.61
C TYR C 19 17.37 -16.80 6.21
N SER C 20 17.54 -16.81 7.53
CA SER C 20 18.30 -17.88 8.18
C SER C 20 17.55 -19.21 8.30
N SER C 21 16.23 -19.16 8.05
CA SER C 21 15.41 -20.37 7.97
C SER C 21 15.23 -20.76 6.51
N TRP C 22 16.31 -20.62 5.74
CA TRP C 22 16.32 -20.95 4.32
C TRP C 22 16.42 -22.47 4.12
N SER C 23 15.75 -22.96 3.09
CA SER C 23 15.85 -24.35 2.71
C SER C 23 16.14 -24.45 1.22
N HIS C 24 17.16 -25.22 0.88
CA HIS C 24 17.53 -25.42 -0.51
C HIS C 24 16.45 -26.18 -1.28
N ASN C 25 15.49 -26.74 -0.56
CA ASN C 25 14.36 -27.47 -1.14
C ASN C 25 13.20 -26.56 -1.49
N SER C 26 13.17 -25.37 -0.89
CA SER C 26 11.98 -24.54 -0.92
C SER C 26 12.26 -23.10 -1.35
N ASN C 27 13.53 -22.68 -1.32
CA ASN C 27 13.86 -21.29 -1.57
C ASN C 27 14.78 -21.03 -2.76
N SER C 28 14.68 -19.79 -3.22
CA SER C 28 15.58 -19.21 -4.19
C SER C 28 15.45 -17.68 -4.03
N MET C 29 16.33 -16.93 -4.68
CA MET C 29 16.30 -15.49 -4.48
C MET C 29 16.85 -14.73 -5.66
N CYS C 30 16.57 -13.44 -5.68
CA CYS C 30 17.23 -12.56 -6.63
C CYS C 30 17.35 -11.13 -6.06
N TRP C 31 18.31 -10.37 -6.58
CA TRP C 31 18.47 -8.96 -6.20
C TRP C 31 18.00 -8.05 -7.31
N GLY C 32 17.34 -6.97 -6.93
CA GLY C 32 17.03 -5.94 -7.91
C GLY C 32 17.50 -4.58 -7.44
N LYS C 33 17.71 -3.70 -8.40
CA LYS C 33 17.95 -2.29 -8.12
C LYS C 33 16.62 -1.51 -8.18
N ASP C 34 16.50 -0.47 -7.35
CA ASP C 34 15.31 0.41 -7.29
C ASP C 34 14.03 -0.30 -6.82
N GLN C 35 13.54 -1.25 -7.60
CA GLN C 35 12.37 -2.02 -7.22
C GLN C 35 12.73 -3.48 -7.18
N CYS C 36 12.02 -4.24 -6.35
CA CYS C 36 12.24 -5.67 -6.28
C CYS C 36 11.78 -6.32 -7.56
N PRO C 37 12.59 -7.27 -8.06
CA PRO C 37 12.23 -7.97 -9.32
C PRO C 37 10.93 -8.76 -9.15
N TYR C 38 10.31 -9.13 -10.26
CA TYR C 38 9.04 -9.83 -10.20
C TYR C 38 9.24 -11.28 -9.78
N SER C 39 8.17 -11.88 -9.27
CA SER C 39 8.11 -13.32 -9.08
C SER C 39 8.53 -13.95 -10.38
N GLY C 40 9.42 -14.93 -10.30
CA GLY C 40 10.03 -15.52 -11.48
C GLY C 40 11.52 -15.28 -11.40
N CYS C 41 11.87 -14.05 -11.01
CA CYS C 41 13.25 -13.60 -10.78
C CYS C 41 14.05 -13.38 -12.06
N LYS C 42 13.38 -13.42 -13.20
CA LYS C 42 14.00 -12.96 -14.43
C LYS C 42 14.03 -11.44 -14.36
N GLU C 43 14.90 -10.80 -15.13
CA GLU C 43 15.06 -9.35 -15.02
C GLU C 43 15.62 -9.04 -13.60
N ALA C 44 16.85 -9.44 -13.37
CA ALA C 44 17.49 -9.23 -12.07
C ALA C 44 19.01 -9.03 -12.16
N LEU C 45 19.58 -8.43 -11.11
CA LEU C 45 21.02 -8.21 -11.05
C LEU C 45 21.74 -9.54 -10.90
N ILE C 46 21.22 -10.37 -10.00
CA ILE C 46 21.80 -11.66 -9.69
C ILE C 46 20.70 -12.60 -9.13
N ARG C 47 20.87 -13.90 -9.35
CA ARG C 47 19.81 -14.87 -9.14
C ARG C 47 20.33 -16.21 -8.59
N THR C 48 19.59 -16.82 -7.68
CA THR C 48 19.99 -18.13 -7.16
C THR C 48 18.92 -19.20 -7.31
N ASP C 49 19.34 -20.46 -7.19
CA ASP C 49 18.42 -21.57 -6.90
C ASP C 49 18.51 -21.83 -5.41
N GLY C 50 18.36 -23.08 -5.00
CA GLY C 50 18.36 -23.38 -3.59
C GLY C 50 19.73 -23.33 -2.94
N MET C 51 20.77 -23.40 -3.76
CA MET C 51 22.13 -23.65 -3.24
C MET C 51 23.20 -22.74 -3.84
N ARG C 52 22.92 -22.21 -5.02
CA ARG C 52 23.97 -21.74 -5.90
C ARG C 52 23.52 -20.51 -6.72
N VAL C 53 24.45 -19.61 -7.03
CA VAL C 53 24.13 -18.51 -7.94
C VAL C 53 23.97 -19.14 -9.30
N THR C 54 22.93 -18.77 -10.03
CA THR C 54 22.69 -19.42 -11.31
C THR C 54 22.82 -18.49 -12.51
N SER C 55 22.67 -17.18 -12.29
CA SER C 55 23.01 -16.20 -13.34
C SER C 55 23.23 -14.79 -12.76
N ARG C 56 23.83 -13.92 -13.57
CA ARG C 56 24.06 -12.55 -13.11
C ARG C 56 24.20 -11.57 -14.28
N LYS C 57 23.95 -10.29 -14.02
CA LYS C 57 24.05 -9.27 -15.04
C LYS C 57 25.52 -9.05 -15.40
N SER C 58 26.41 -9.22 -14.42
CA SER C 58 27.84 -9.01 -14.64
C SER C 58 28.65 -9.41 -13.41
N ALA C 59 29.97 -9.46 -13.57
CA ALA C 59 30.84 -9.89 -12.47
C ALA C 59 30.96 -8.84 -11.35
N LYS C 60 30.37 -7.66 -11.57
CA LYS C 60 30.21 -6.69 -10.50
C LYS C 60 29.40 -7.28 -9.31
N TYR C 61 28.53 -8.24 -9.58
CA TYR C 61 27.69 -8.79 -8.51
C TYR C 61 28.14 -10.16 -8.05
N ARG C 62 28.16 -10.35 -6.74
CA ARG C 62 28.67 -11.57 -6.15
C ARG C 62 27.87 -11.90 -4.91
N LEU C 63 27.65 -13.18 -4.67
CA LEU C 63 27.08 -13.66 -3.42
C LEU C 63 28.17 -14.47 -2.75
N GLN C 64 28.67 -13.98 -1.62
CA GLN C 64 29.91 -14.51 -1.07
C GLN C 64 29.67 -15.22 0.24
N GLY C 65 28.42 -15.31 0.64
CA GLY C 65 28.09 -15.96 1.88
C GLY C 65 27.57 -17.34 1.60
N THR C 66 27.18 -18.05 2.65
CA THR C 66 26.68 -19.41 2.53
C THR C 66 25.22 -19.40 2.12
N ILE C 67 24.99 -19.44 0.82
CA ILE C 67 23.64 -19.45 0.25
C ILE C 67 22.67 -20.51 0.86
N PRO C 68 23.14 -21.76 1.07
CA PRO C 68 22.19 -22.74 1.63
C PRO C 68 21.93 -22.57 3.12
N ARG C 69 22.63 -21.65 3.76
CA ARG C 69 22.22 -21.24 5.11
C ARG C 69 21.41 -19.94 5.09
N GLY C 70 21.11 -19.43 3.89
CA GLY C 70 20.31 -18.23 3.76
C GLY C 70 21.04 -16.91 3.80
N ASP C 71 22.37 -16.95 3.66
CA ASP C 71 23.16 -15.74 3.57
C ASP C 71 23.26 -15.31 2.12
N VAL C 72 22.30 -14.50 1.69
CA VAL C 72 22.20 -14.11 0.30
C VAL C 72 22.62 -12.63 0.14
N SER C 73 23.35 -12.15 1.15
CA SER C 73 23.93 -10.81 1.16
C SER C 73 24.64 -10.46 -0.15
N LEU C 74 24.37 -9.28 -0.71
CA LEU C 74 24.96 -8.91 -2.00
C LEU C 74 26.28 -8.10 -1.93
N THR C 75 27.27 -8.54 -2.69
CA THR C 75 28.54 -7.83 -2.77
C THR C 75 28.64 -7.15 -4.12
N ILE C 76 28.93 -5.86 -4.09
CA ILE C 76 29.08 -5.05 -5.29
C ILE C 76 30.54 -4.55 -5.38
N LEU C 77 31.19 -4.86 -6.50
CA LEU C 77 32.60 -4.51 -6.70
C LEU C 77 32.71 -3.16 -7.39
N ASN C 78 33.65 -2.34 -6.92
CA ASN C 78 33.94 -1.06 -7.59
C ASN C 78 32.67 -0.25 -7.92
N PRO C 79 31.85 0.07 -6.89
CA PRO C 79 30.60 0.79 -7.13
C PRO C 79 30.86 2.24 -7.53
N SER C 80 30.39 2.63 -8.70
CA SER C 80 30.44 4.03 -9.06
C SER C 80 29.14 4.74 -8.58
N GLU C 81 28.96 5.98 -8.99
CA GLU C 81 27.91 6.83 -8.44
C GLU C 81 26.54 6.23 -8.72
N SER C 82 26.34 5.74 -9.94
CA SER C 82 25.05 5.22 -10.34
C SER C 82 24.65 3.93 -9.65
N ASP C 83 25.61 3.27 -8.97
CA ASP C 83 25.29 2.09 -8.17
C ASP C 83 24.78 2.46 -6.80
N SER C 84 24.84 3.75 -6.44
CA SER C 84 24.22 4.16 -5.18
C SER C 84 22.69 4.01 -5.31
N GLY C 85 22.02 3.89 -4.17
CA GLY C 85 20.57 3.77 -4.21
C GLY C 85 20.04 2.60 -3.41
N VAL C 86 18.78 2.25 -3.68
CA VAL C 86 18.09 1.18 -2.97
C VAL C 86 18.18 -0.14 -3.73
N TYR C 87 18.47 -1.22 -3.00
CA TYR C 87 18.55 -2.57 -3.55
C TYR C 87 17.54 -3.44 -2.86
N CYS C 88 16.93 -4.35 -3.62
CA CYS C 88 15.88 -5.20 -3.07
C CYS C 88 16.21 -6.68 -3.21
N CYS C 89 16.16 -7.34 -2.07
CA CYS C 89 16.47 -8.74 -1.97
C CYS C 89 15.16 -9.52 -1.84
N ARG C 90 14.80 -10.25 -2.91
CA ARG C 90 13.56 -11.02 -2.94
C ARG C 90 13.81 -12.49 -2.69
N ILE C 91 13.39 -12.97 -1.52
CA ILE C 91 13.41 -14.40 -1.22
C ILE C 91 12.11 -15.06 -1.74
N GLU C 92 12.27 -15.95 -2.71
CA GLU C 92 11.16 -16.77 -3.21
C GLU C 92 10.74 -17.80 -2.17
N VAL C 93 9.48 -17.74 -1.76
CA VAL C 93 8.91 -18.61 -0.72
C VAL C 93 7.70 -19.39 -1.26
N PRO C 94 7.67 -20.72 -1.01
CA PRO C 94 6.55 -21.59 -1.44
C PRO C 94 5.22 -21.00 -1.01
N GLY C 95 4.30 -20.91 -1.94
CA GLY C 95 3.01 -20.30 -1.65
C GLY C 95 2.80 -19.06 -2.50
N TRP C 96 1.94 -18.17 -2.01
CA TRP C 96 1.55 -16.98 -2.76
C TRP C 96 1.36 -15.81 -1.81
N PHE C 97 1.82 -14.63 -2.23
CA PHE C 97 1.79 -13.44 -1.40
C PHE C 97 2.48 -13.69 -0.07
N ASN C 98 3.64 -14.35 -0.15
CA ASN C 98 4.46 -14.71 1.00
C ASN C 98 5.97 -14.62 0.72
N ASP C 99 6.32 -14.03 -0.42
CA ASP C 99 7.72 -13.78 -0.79
C ASP C 99 8.32 -12.66 0.06
N VAL C 100 9.44 -12.92 0.73
CA VAL C 100 10.08 -11.89 1.54
C VAL C 100 10.86 -10.87 0.70
N LYS C 101 10.74 -9.61 1.06
CA LYS C 101 11.32 -8.52 0.31
C LYS C 101 12.09 -7.66 1.29
N ILE C 102 13.39 -7.57 1.06
CA ILE C 102 14.27 -6.87 2.00
C ILE C 102 15.02 -5.79 1.24
N ASN C 103 14.90 -4.57 1.73
CA ASN C 103 15.52 -3.44 1.06
C ASN C 103 16.75 -3.00 1.82
N VAL C 104 17.81 -2.67 1.09
CA VAL C 104 18.99 -2.05 1.71
C VAL C 104 19.41 -0.88 0.86
N ARG C 105 19.69 0.24 1.52
CA ARG C 105 20.10 1.42 0.77
C ARG C 105 21.62 1.48 0.75
N LEU C 106 22.19 1.77 -0.41
CA LEU C 106 23.63 2.03 -0.52
C LEU C 106 23.91 3.51 -0.76
N ASN C 107 24.47 4.16 0.26
CA ASN C 107 25.07 5.48 0.14
C ASN C 107 26.59 5.41 -0.18
N LEU C 108 27.06 6.21 -1.13
CA LEU C 108 28.48 6.17 -1.51
C LEU C 108 29.16 7.49 -1.22
N GLN C 109 30.23 7.47 -0.42
CA GLN C 109 30.89 8.74 -0.15
C GLN C 109 32.08 8.92 -1.06
N ARG C 110 32.37 10.17 -1.40
CA ARG C 110 33.39 10.43 -2.41
C ARG C 110 34.13 11.75 -2.22
N ALA C 111 35.28 11.87 -2.92
CA ALA C 111 36.15 13.06 -2.96
C ALA C 111 36.84 13.37 -1.64
N SER D 1 33.16 -0.33 5.15
CA SER D 1 31.78 0.13 5.10
C SER D 1 31.22 0.43 6.50
N GLU D 2 30.15 1.22 6.54
CA GLU D 2 29.44 1.46 7.79
C GLU D 2 27.95 1.16 7.62
N THR D 3 27.32 0.73 8.70
CA THR D 3 25.97 0.21 8.62
C THR D 3 25.11 0.85 9.68
N VAL D 4 24.02 1.46 9.23
CA VAL D 4 23.10 2.18 10.10
C VAL D 4 21.72 1.60 9.94
N VAL D 5 21.09 1.31 11.05
CA VAL D 5 19.71 0.89 11.04
C VAL D 5 18.86 1.98 11.67
N THR D 6 17.79 2.31 10.96
CA THR D 6 16.85 3.32 11.41
C THR D 6 15.52 2.65 11.77
N GLU D 7 14.97 2.97 12.94
CA GLU D 7 13.65 2.48 13.33
C GLU D 7 12.95 3.49 14.26
N VAL D 8 11.62 3.51 14.21
CA VAL D 8 10.79 4.37 15.08
C VAL D 8 10.91 3.93 16.53
N LEU D 9 10.94 4.88 17.46
CA LEU D 9 10.91 4.57 18.89
C LEU D 9 9.73 3.65 19.23
N GLY D 10 9.95 2.73 20.16
CA GLY D 10 8.89 1.82 20.55
C GLY D 10 8.77 0.59 19.67
N HIS D 11 9.20 0.68 18.42
CA HIS D 11 9.12 -0.45 17.50
C HIS D 11 10.36 -1.31 17.60
N ARG D 12 10.16 -2.63 17.57
CA ARG D 12 11.27 -3.54 17.69
C ARG D 12 12.19 -3.40 16.49
N VAL D 13 13.49 -3.47 16.74
CA VAL D 13 14.45 -3.31 15.66
C VAL D 13 15.49 -4.43 15.68
N THR D 14 15.93 -4.84 14.49
CA THR D 14 16.98 -5.85 14.37
C THR D 14 18.27 -5.27 13.75
N LEU D 15 19.39 -5.40 14.46
CA LEU D 15 20.68 -5.01 13.92
C LEU D 15 21.36 -6.24 13.38
N PRO D 16 21.78 -6.20 12.10
CA PRO D 16 22.34 -7.38 11.45
C PRO D 16 23.81 -7.66 11.84
N CYS D 17 24.07 -8.91 12.23
CA CYS D 17 25.45 -9.39 12.32
C CYS D 17 25.54 -10.79 11.73
N LEU D 18 26.44 -10.94 10.77
CA LEU D 18 26.60 -12.18 10.04
C LEU D 18 27.97 -12.81 10.15
N TYR D 19 28.01 -14.09 10.48
CA TYR D 19 29.22 -14.89 10.38
C TYR D 19 28.75 -16.23 9.83
N SER D 20 28.72 -16.37 8.51
CA SER D 20 28.05 -17.53 7.90
C SER D 20 28.99 -18.72 7.76
N SER D 21 30.20 -18.57 8.28
CA SER D 21 31.12 -19.69 8.36
C SER D 21 31.06 -20.30 9.76
N TRP D 22 30.18 -19.74 10.59
CA TRP D 22 29.97 -20.18 11.97
C TRP D 22 29.92 -21.69 12.16
N SER D 23 30.55 -22.15 13.22
CA SER D 23 30.48 -23.55 13.62
C SER D 23 30.08 -23.63 15.09
N HIS D 24 29.07 -24.44 15.40
CA HIS D 24 28.59 -24.56 16.78
C HIS D 24 29.65 -25.18 17.69
N ASN D 25 30.67 -25.81 17.11
CA ASN D 25 31.73 -26.42 17.89
C ASN D 25 32.77 -25.43 18.40
N SER D 26 32.94 -24.34 17.65
CA SER D 26 34.08 -23.45 17.84
C SER D 26 33.69 -22.06 18.30
N ASN D 27 32.61 -21.55 17.71
CA ASN D 27 32.28 -20.14 17.84
C ASN D 27 31.32 -19.81 18.98
N SER D 28 31.46 -18.60 19.49
CA SER D 28 30.44 -17.99 20.33
C SER D 28 30.47 -16.50 20.05
N MET D 29 29.58 -15.74 20.68
CA MET D 29 29.54 -14.30 20.46
C MET D 29 28.76 -13.56 21.52
N CYS D 30 28.84 -12.24 21.44
CA CYS D 30 28.12 -11.34 22.31
C CYS D 30 28.00 -9.95 21.67
N TRP D 31 27.05 -9.17 22.17
CA TRP D 31 26.83 -7.81 21.71
C TRP D 31 27.14 -6.85 22.85
N GLY D 32 27.61 -5.66 22.50
CA GLY D 32 27.83 -4.59 23.46
C GLY D 32 27.43 -3.23 22.92
N LYS D 33 26.99 -2.33 23.80
CA LYS D 33 26.75 -0.94 23.45
C LYS D 33 28.09 -0.20 23.40
N ASP D 34 28.16 0.87 22.60
CA ASP D 34 29.34 1.74 22.53
C ASP D 34 30.65 1.06 22.12
N GLN D 35 31.13 0.17 22.97
CA GLN D 35 32.35 -0.55 22.66
C GLN D 35 32.03 -2.04 22.59
N CYS D 36 32.96 -2.82 22.07
CA CYS D 36 32.83 -4.27 22.11
C CYS D 36 33.10 -4.76 23.52
N PRO D 37 32.40 -5.83 23.94
CA PRO D 37 32.87 -6.47 25.17
C PRO D 37 34.24 -7.11 24.93
N TYR D 38 34.99 -7.32 26.00
CA TYR D 38 36.32 -7.94 25.90
C TYR D 38 36.14 -9.43 25.67
N SER D 39 37.24 -10.13 25.41
CA SER D 39 37.19 -11.57 25.19
C SER D 39 36.51 -12.29 26.36
N GLY D 40 35.90 -13.43 26.08
CA GLY D 40 35.21 -14.16 27.10
C GLY D 40 33.74 -13.81 27.06
N CYS D 41 33.45 -12.63 26.50
CA CYS D 41 32.08 -12.18 26.28
C CYS D 41 31.22 -12.06 27.52
N LYS D 42 31.82 -12.11 28.70
CA LYS D 42 31.07 -11.75 29.90
C LYS D 42 31.10 -10.23 30.00
N GLU D 43 30.15 -9.66 30.73
CA GLU D 43 29.87 -8.23 30.70
C GLU D 43 29.50 -7.84 29.26
N ALA D 44 28.26 -8.18 28.89
CA ALA D 44 27.72 -7.92 27.56
C ALA D 44 26.21 -7.79 27.65
N LEU D 45 25.56 -7.39 26.56
CA LEU D 45 24.10 -7.28 26.57
C LEU D 45 23.49 -8.66 26.44
N ILE D 46 24.01 -9.44 25.50
CA ILE D 46 23.53 -10.79 25.28
C ILE D 46 24.72 -11.65 24.86
N ARG D 47 24.69 -12.94 25.24
CA ARG D 47 25.81 -13.83 24.98
C ARG D 47 25.31 -15.20 24.51
N THR D 48 26.08 -15.83 23.62
CA THR D 48 25.73 -17.17 23.16
C THR D 48 26.90 -18.13 23.30
N ASP D 49 26.62 -19.41 23.06
CA ASP D 49 27.65 -20.41 22.89
C ASP D 49 27.77 -20.70 21.40
N GLY D 50 27.91 -21.97 21.03
CA GLY D 50 27.88 -22.34 19.63
C GLY D 50 26.47 -22.45 19.07
N MET D 51 25.48 -22.52 19.96
CA MET D 51 24.14 -22.91 19.55
C MET D 51 23.01 -22.04 20.10
N ARG D 52 23.19 -21.44 21.28
CA ARG D 52 22.10 -20.67 21.85
C ARG D 52 22.55 -19.53 22.76
N VAL D 53 21.62 -18.61 23.01
CA VAL D 53 21.80 -17.54 23.98
C VAL D 53 22.02 -18.14 25.37
N THR D 54 23.05 -17.68 26.07
CA THR D 54 23.29 -18.20 27.42
C THR D 54 23.06 -17.18 28.53
N SER D 55 23.22 -15.90 28.23
CA SER D 55 22.94 -14.86 29.22
C SER D 55 22.59 -13.55 28.55
N ARG D 56 21.73 -12.78 29.20
CA ARG D 56 21.35 -11.47 28.71
C ARG D 56 21.06 -10.56 29.90
N LYS D 57 21.30 -9.26 29.75
CA LYS D 57 21.10 -8.33 30.86
C LYS D 57 19.63 -7.98 31.04
N SER D 58 18.83 -8.28 30.02
CA SER D 58 17.41 -7.99 30.02
C SER D 58 16.67 -8.74 28.93
N ALA D 59 15.34 -8.78 29.05
CA ALA D 59 14.51 -9.41 28.03
C ALA D 59 14.30 -8.43 26.88
N LYS D 60 14.83 -7.23 27.05
CA LYS D 60 14.92 -6.25 25.97
C LYS D 60 15.64 -6.82 24.74
N TYR D 61 16.62 -7.69 24.97
CA TYR D 61 17.49 -8.19 23.89
C TYR D 61 17.18 -9.64 23.52
N ARG D 62 17.12 -9.92 22.23
CA ARG D 62 16.75 -11.23 21.72
C ARG D 62 17.57 -11.60 20.50
N LEU D 63 18.02 -12.85 20.45
CA LEU D 63 18.58 -13.41 19.21
C LEU D 63 17.55 -14.32 18.56
N GLN D 64 16.93 -13.83 17.51
CA GLN D 64 15.84 -14.52 16.84
C GLN D 64 16.33 -15.23 15.59
N GLY D 65 17.58 -15.04 15.23
CA GLY D 65 18.10 -15.72 14.05
C GLY D 65 18.51 -17.12 14.42
N THR D 66 18.90 -17.91 13.41
CA THR D 66 19.45 -19.24 13.62
C THR D 66 20.92 -19.12 14.05
N ILE D 67 21.14 -19.14 15.36
CA ILE D 67 22.50 -19.02 15.91
C ILE D 67 23.53 -20.01 15.35
N PRO D 68 23.18 -21.29 15.20
CA PRO D 68 24.15 -22.22 14.61
C PRO D 68 24.44 -21.94 13.15
N ARG D 69 23.62 -21.13 12.50
CA ARG D 69 23.91 -20.76 11.10
C ARG D 69 24.67 -19.44 11.03
N GLY D 70 24.91 -18.82 12.18
CA GLY D 70 25.68 -17.60 12.23
C GLY D 70 24.84 -16.34 12.05
N ASP D 71 23.52 -16.49 12.08
CA ASP D 71 22.63 -15.35 12.09
C ASP D 71 22.54 -14.90 13.54
N VAL D 72 23.49 -14.06 13.95
CA VAL D 72 23.58 -13.62 15.33
C VAL D 72 23.06 -12.20 15.55
N SER D 73 22.40 -11.66 14.54
CA SER D 73 21.72 -10.36 14.60
C SER D 73 20.98 -10.09 15.93
N LEU D 74 21.09 -8.86 16.43
CA LEU D 74 20.41 -8.49 17.67
C LEU D 74 19.01 -7.90 17.42
N THR D 75 18.03 -8.31 18.22
CA THR D 75 16.74 -7.64 18.22
C THR D 75 16.57 -6.90 19.55
N ILE D 76 16.14 -5.64 19.47
CA ILE D 76 15.91 -4.85 20.67
C ILE D 76 14.42 -4.55 20.72
N LEU D 77 13.77 -4.95 21.82
CA LEU D 77 12.33 -4.80 21.99
C LEU D 77 12.00 -3.48 22.67
N ASN D 78 10.98 -2.79 22.16
CA ASN D 78 10.55 -1.50 22.70
C ASN D 78 11.70 -0.52 23.00
N PRO D 79 12.53 -0.21 21.97
CA PRO D 79 13.64 0.72 22.21
C PRO D 79 13.18 2.13 22.57
N SER D 80 13.95 2.76 23.45
CA SER D 80 13.70 4.13 23.87
C SER D 80 14.88 4.99 23.44
N GLU D 81 14.71 6.30 23.46
CA GLU D 81 15.71 7.26 22.99
C GLU D 81 17.14 6.89 23.36
N SER D 82 17.35 6.42 24.59
CA SER D 82 18.70 6.13 25.06
C SER D 82 19.28 4.83 24.50
N ASP D 83 18.49 4.09 23.73
CA ASP D 83 18.95 2.84 23.13
C ASP D 83 19.73 3.11 21.84
N SER D 84 19.66 4.34 21.34
CA SER D 84 20.39 4.71 20.14
C SER D 84 21.90 4.71 20.41
N GLY D 85 22.70 4.53 19.36
CA GLY D 85 24.14 4.50 19.52
C GLY D 85 24.77 3.39 18.72
N VAL D 86 26.08 3.22 18.91
CA VAL D 86 26.82 2.16 18.26
C VAL D 86 26.64 0.86 19.02
N TYR D 87 26.39 -0.21 18.28
CA TYR D 87 26.35 -1.54 18.89
C TYR D 87 27.44 -2.39 18.26
N CYS D 88 28.13 -3.18 19.09
CA CYS D 88 29.23 -3.99 18.56
C CYS D 88 29.04 -5.49 18.76
N CYS D 89 29.09 -6.21 17.64
CA CYS D 89 28.90 -7.65 17.59
C CYS D 89 30.27 -8.33 17.55
N ARG D 90 30.62 -9.06 18.61
CA ARG D 90 31.93 -9.71 18.68
C ARG D 90 31.90 -11.21 18.45
N ILE D 91 32.44 -11.63 17.31
CA ILE D 91 32.54 -13.04 16.98
C ILE D 91 33.80 -13.67 17.58
N GLU D 92 33.61 -14.46 18.64
CA GLU D 92 34.70 -15.19 19.27
C GLU D 92 35.17 -16.35 18.40
N VAL D 93 36.43 -16.26 18.00
CA VAL D 93 37.05 -17.29 17.19
C VAL D 93 38.19 -17.89 18.00
N PRO D 94 38.23 -19.23 18.07
CA PRO D 94 39.28 -19.99 18.77
C PRO D 94 40.68 -19.54 18.37
N GLY D 95 41.42 -18.97 19.33
CA GLY D 95 42.74 -18.44 19.09
C GLY D 95 43.04 -17.21 19.94
N TRP D 96 44.05 -16.46 19.53
CA TRP D 96 44.29 -15.12 20.07
C TRP D 96 44.45 -14.13 18.91
N PHE D 97 43.94 -12.91 19.09
CA PHE D 97 44.05 -11.85 18.07
C PHE D 97 43.36 -12.23 16.76
N ASN D 98 42.16 -12.82 16.86
CA ASN D 98 41.47 -13.32 15.67
C ASN D 98 39.93 -13.13 15.71
N ASP D 99 39.43 -12.65 16.85
CA ASP D 99 38.01 -12.39 16.99
C ASP D 99 37.54 -11.39 15.93
N VAL D 100 36.26 -11.47 15.57
CA VAL D 100 35.72 -10.53 14.58
C VAL D 100 34.79 -9.51 15.22
N LYS D 101 35.10 -8.23 15.03
CA LYS D 101 34.25 -7.15 15.52
C LYS D 101 33.40 -6.52 14.40
N ILE D 102 32.09 -6.45 14.63
CA ILE D 102 31.17 -5.86 13.66
C ILE D 102 30.34 -4.75 14.32
N ASN D 103 30.31 -3.56 13.72
CA ASN D 103 29.58 -2.46 14.30
C ASN D 103 28.34 -2.13 13.48
N VAL D 104 27.26 -1.78 14.17
CA VAL D 104 26.08 -1.25 13.52
C VAL D 104 25.60 -0.07 14.34
N ARG D 105 25.26 1.03 13.70
CA ARG D 105 24.70 2.15 14.44
C ARG D 105 23.16 2.08 14.41
N LEU D 106 22.54 2.30 15.57
CA LEU D 106 21.08 2.43 15.65
C LEU D 106 20.66 3.87 15.88
N ASN D 107 19.92 4.44 14.93
CA ASN D 107 19.32 5.76 15.09
C ASN D 107 17.82 5.71 15.18
N LEU D 108 17.26 5.88 16.38
CA LEU D 108 15.82 5.82 16.56
C LEU D 108 15.12 7.10 16.11
N GLN D 109 14.03 6.96 15.35
CA GLN D 109 13.33 8.13 14.81
C GLN D 109 12.01 8.39 15.52
N ARG D 110 11.63 9.66 15.58
CA ARG D 110 10.27 10.00 15.98
C ARG D 110 9.34 9.55 14.87
N ALA D 111 8.16 9.06 15.25
CA ALA D 111 7.19 8.55 14.29
C ALA D 111 6.57 9.66 13.45
N LEU D 112 6.09 9.30 12.26
CA LEU D 112 5.26 10.19 11.46
C LEU D 112 3.88 9.54 11.20
N VAL D 113 2.82 10.17 11.69
CA VAL D 113 1.46 9.62 11.54
C VAL D 113 0.93 9.74 10.11
N SER E 1 -21.73 -3.71 -6.03
CA SER E 1 -20.37 -3.33 -6.33
C SER E 1 -19.84 -4.13 -7.51
N GLU E 2 -18.67 -3.73 -8.01
CA GLU E 2 -17.94 -4.50 -9.01
C GLU E 2 -16.51 -4.77 -8.54
N THR E 3 -15.98 -5.94 -8.89
CA THR E 3 -14.61 -6.26 -8.54
C THR E 3 -13.79 -6.42 -9.80
N VAL E 4 -12.63 -5.79 -9.82
CA VAL E 4 -11.74 -5.88 -10.95
C VAL E 4 -10.38 -6.36 -10.44
N VAL E 5 -9.84 -7.36 -11.10
CA VAL E 5 -8.47 -7.76 -10.84
C VAL E 5 -7.60 -7.46 -12.06
N THR E 6 -6.42 -6.92 -11.79
CA THR E 6 -5.46 -6.51 -12.81
C THR E 6 -4.13 -7.22 -12.59
N GLU E 7 -3.52 -7.68 -13.69
CA GLU E 7 -2.29 -8.45 -13.62
C GLU E 7 -1.58 -8.42 -14.98
N VAL E 8 -0.26 -8.59 -14.97
CA VAL E 8 0.55 -8.59 -16.20
C VAL E 8 0.25 -9.83 -17.06
N LEU E 9 0.13 -9.61 -18.37
CA LEU E 9 -0.25 -10.63 -19.37
C LEU E 9 0.40 -12.03 -19.29
N GLY E 10 0.98 -12.41 -18.16
CA GLY E 10 1.63 -13.71 -18.12
C GLY E 10 1.72 -14.34 -16.75
N HIS E 11 1.53 -13.55 -15.70
CA HIS E 11 1.59 -14.08 -14.35
C HIS E 11 0.24 -14.59 -13.86
N ARG E 12 0.26 -15.71 -13.15
CA ARG E 12 -0.97 -16.32 -12.67
C ARG E 12 -1.73 -15.33 -11.79
N VAL E 13 -3.05 -15.48 -11.76
CA VAL E 13 -3.94 -14.46 -11.16
C VAL E 13 -5.10 -15.14 -10.47
N THR E 14 -5.57 -14.56 -9.37
CA THR E 14 -6.65 -15.15 -8.57
C THR E 14 -7.86 -14.22 -8.41
N LEU E 15 -9.02 -14.72 -8.82
CA LEU E 15 -10.27 -13.96 -8.77
C LEU E 15 -11.09 -14.34 -7.52
N PRO E 16 -11.30 -13.37 -6.62
CA PRO E 16 -11.95 -13.64 -5.34
C PRO E 16 -13.43 -14.06 -5.47
N CYS E 17 -13.79 -15.12 -4.74
CA CYS E 17 -15.17 -15.51 -4.52
C CYS E 17 -15.21 -16.12 -3.12
N LEU E 18 -15.83 -15.40 -2.20
CA LEU E 18 -15.80 -15.78 -0.79
C LEU E 18 -17.20 -16.07 -0.26
N TYR E 19 -17.46 -17.33 0.08
CA TYR E 19 -18.73 -17.73 0.65
C TYR E 19 -18.48 -18.48 1.96
N SER E 20 -18.29 -17.75 3.04
CA SER E 20 -17.80 -18.37 4.29
C SER E 20 -18.89 -19.12 5.06
N SER E 21 -20.15 -18.87 4.70
CA SER E 21 -21.27 -19.59 5.30
C SER E 21 -21.42 -21.00 4.72
N TRP E 22 -20.53 -21.34 3.78
CA TRP E 22 -20.48 -22.63 3.10
C TRP E 22 -20.51 -23.82 4.06
N SER E 23 -21.17 -24.90 3.64
CA SER E 23 -21.13 -26.17 4.35
C SER E 23 -20.88 -27.29 3.35
N HIS E 24 -20.01 -28.23 3.70
CA HIS E 24 -19.60 -29.27 2.74
C HIS E 24 -20.68 -30.30 2.45
N ASN E 25 -21.82 -30.19 3.14
CA ASN E 25 -22.96 -31.07 2.89
C ASN E 25 -24.02 -30.45 1.99
N SER E 26 -24.06 -29.12 1.92
CA SER E 26 -25.15 -28.41 1.28
C SER E 26 -24.77 -27.78 -0.06
N ASN E 27 -23.52 -27.33 -0.17
CA ASN E 27 -23.12 -26.46 -1.28
C ASN E 27 -22.23 -27.08 -2.36
N SER E 28 -22.25 -26.45 -3.53
CA SER E 28 -21.30 -26.72 -4.61
C SER E 28 -21.23 -25.46 -5.47
N MET E 29 -20.17 -25.32 -6.26
CA MET E 29 -20.00 -24.10 -7.03
C MET E 29 -19.37 -24.35 -8.39
N CYS E 30 -19.21 -23.26 -9.14
CA CYS E 30 -18.69 -23.33 -10.50
C CYS E 30 -18.34 -21.94 -11.01
N TRP E 31 -17.29 -21.88 -11.84
CA TRP E 31 -16.90 -20.65 -12.51
C TRP E 31 -17.25 -20.75 -13.98
N GLY E 32 -17.55 -19.62 -14.58
CA GLY E 32 -17.75 -19.54 -16.02
C GLY E 32 -17.18 -18.24 -16.54
N LYS E 33 -16.86 -18.21 -17.83
CA LYS E 33 -16.47 -16.98 -18.51
C LYS E 33 -17.74 -16.21 -18.94
N ASP E 34 -17.65 -14.88 -18.95
CA ASP E 34 -18.70 -13.99 -19.45
C ASP E 34 -20.05 -14.13 -18.76
N GLN E 35 -20.59 -15.34 -18.77
CA GLN E 35 -21.87 -15.60 -18.13
C GLN E 35 -21.70 -16.68 -17.08
N CYS E 36 -22.66 -16.78 -16.19
CA CYS E 36 -22.66 -17.78 -15.15
C CYS E 36 -23.26 -19.05 -15.72
N PRO E 37 -22.56 -20.19 -15.55
CA PRO E 37 -23.14 -21.44 -16.03
C PRO E 37 -24.47 -21.69 -15.32
N TYR E 38 -25.35 -22.46 -15.94
CA TYR E 38 -26.67 -22.71 -15.40
C TYR E 38 -26.63 -23.62 -14.16
N SER E 39 -27.73 -23.67 -13.43
CA SER E 39 -27.84 -24.47 -12.21
C SER E 39 -27.37 -25.91 -12.43
N GLY E 40 -26.77 -26.51 -11.40
CA GLY E 40 -26.00 -27.73 -11.57
C GLY E 40 -24.89 -27.37 -12.54
N CYS E 41 -23.74 -26.97 -12.03
CA CYS E 41 -22.78 -26.25 -12.85
C CYS E 41 -22.08 -27.08 -13.93
N LYS E 42 -22.81 -27.45 -14.97
CA LYS E 42 -22.22 -28.12 -16.12
C LYS E 42 -21.55 -27.11 -17.03
N GLU E 43 -20.86 -27.60 -18.06
CA GLU E 43 -20.16 -26.76 -19.04
C GLU E 43 -19.47 -25.53 -18.42
N ALA E 44 -18.59 -25.79 -17.46
CA ALA E 44 -17.91 -24.73 -16.72
C ALA E 44 -16.40 -24.80 -16.91
N LEU E 45 -15.74 -23.68 -16.64
CA LEU E 45 -14.29 -23.66 -16.62
C LEU E 45 -13.83 -24.63 -15.53
N ILE E 46 -14.56 -24.67 -14.42
CA ILE E 46 -14.21 -25.52 -13.30
C ILE E 46 -15.43 -25.73 -12.38
N ARG E 47 -15.55 -26.92 -11.81
CA ARG E 47 -16.71 -27.30 -11.04
C ARG E 47 -16.29 -28.05 -9.78
N THR E 48 -16.99 -27.82 -8.67
CA THR E 48 -16.70 -28.53 -7.43
C THR E 48 -17.94 -29.09 -6.74
N ASP E 49 -17.72 -29.90 -5.72
CA ASP E 49 -18.79 -30.36 -4.82
C ASP E 49 -18.77 -29.57 -3.50
N GLY E 50 -18.71 -30.28 -2.39
CA GLY E 50 -18.64 -29.64 -1.09
C GLY E 50 -17.23 -29.64 -0.50
N MET E 51 -16.29 -30.31 -1.15
CA MET E 51 -14.96 -30.48 -0.56
C MET E 51 -13.80 -30.30 -1.55
N ARG E 52 -14.06 -30.53 -2.83
CA ARG E 52 -12.98 -30.64 -3.80
C ARG E 52 -13.44 -30.39 -5.24
N VAL E 53 -12.47 -30.27 -6.13
CA VAL E 53 -12.74 -30.03 -7.54
C VAL E 53 -13.12 -31.33 -8.21
N THR E 54 -14.24 -31.34 -8.91
CA THR E 54 -14.77 -32.55 -9.52
C THR E 54 -14.47 -32.59 -11.02
N SER E 55 -14.22 -31.43 -11.61
CA SER E 55 -13.82 -31.34 -13.02
C SER E 55 -13.24 -29.96 -13.31
N ARG E 56 -12.64 -29.82 -14.49
CA ARG E 56 -12.11 -28.53 -14.94
C ARG E 56 -11.76 -28.56 -16.42
N LYS E 57 -12.05 -27.46 -17.12
CA LYS E 57 -11.85 -27.39 -18.57
C LYS E 57 -10.42 -27.71 -19.00
N SER E 58 -9.43 -27.28 -18.21
CA SER E 58 -8.02 -27.59 -18.48
C SER E 58 -7.18 -27.51 -17.22
N ALA E 59 -5.85 -27.56 -17.37
CA ALA E 59 -4.95 -27.48 -16.22
C ALA E 59 -4.64 -26.02 -15.87
N LYS E 60 -5.19 -25.12 -16.66
CA LYS E 60 -5.05 -23.68 -16.44
C LYS E 60 -5.80 -23.24 -15.18
N TYR E 61 -7.01 -23.77 -14.99
CA TYR E 61 -7.85 -23.36 -13.87
C TYR E 61 -7.63 -24.15 -12.58
N ARG E 62 -7.42 -23.43 -11.48
CA ARG E 62 -7.13 -24.04 -10.19
C ARG E 62 -7.91 -23.39 -9.07
N LEU E 63 -8.37 -24.20 -8.13
CA LEU E 63 -8.88 -23.71 -6.87
C LEU E 63 -7.86 -24.09 -5.81
N GLN E 64 -7.23 -23.08 -5.22
CA GLN E 64 -6.12 -23.32 -4.33
C GLN E 64 -6.53 -22.99 -2.91
N GLY E 65 -7.80 -22.61 -2.74
CA GLY E 65 -8.32 -22.27 -1.43
C GLY E 65 -8.93 -23.48 -0.75
N THR E 66 -9.30 -23.32 0.52
CA THR E 66 -10.01 -24.37 1.24
C THR E 66 -11.48 -24.36 0.84
N ILE E 67 -11.79 -25.13 -0.21
CA ILE E 67 -13.17 -25.34 -0.66
C ILE E 67 -14.18 -25.60 0.50
N PRO E 68 -13.85 -26.50 1.45
CA PRO E 68 -14.77 -26.65 2.60
C PRO E 68 -15.03 -25.38 3.41
N ARG E 69 -14.14 -24.40 3.33
CA ARG E 69 -14.34 -23.15 4.06
C ARG E 69 -15.06 -22.09 3.23
N GLY E 70 -15.28 -22.38 1.96
CA GLY E 70 -16.01 -21.45 1.11
C GLY E 70 -15.07 -20.54 0.35
N ASP E 71 -13.80 -20.91 0.34
CA ASP E 71 -12.80 -20.22 -0.47
C ASP E 71 -12.78 -20.88 -1.83
N VAL E 72 -13.72 -20.47 -2.67
CA VAL E 72 -13.88 -21.06 -3.99
C VAL E 72 -13.27 -20.17 -5.08
N SER E 73 -12.46 -19.21 -4.64
CA SER E 73 -11.71 -18.32 -5.53
C SER E 73 -10.99 -19.04 -6.68
N LEU E 74 -10.78 -18.34 -7.79
CA LEU E 74 -10.26 -18.96 -9.00
C LEU E 74 -8.87 -18.49 -9.38
N THR E 75 -7.93 -19.44 -9.53
CA THR E 75 -6.59 -19.09 -9.99
C THR E 75 -6.42 -19.46 -11.46
N ILE E 76 -5.95 -18.51 -12.27
CA ILE E 76 -5.73 -18.77 -13.70
C ILE E 76 -4.22 -18.81 -14.02
N LEU E 77 -3.76 -19.95 -14.51
CA LEU E 77 -2.34 -20.12 -14.80
C LEU E 77 -1.98 -19.64 -16.19
N ASN E 78 -0.88 -18.88 -16.26
CA ASN E 78 -0.41 -18.29 -17.50
C ASN E 78 -1.52 -17.68 -18.33
N PRO E 79 -2.09 -16.56 -17.85
CA PRO E 79 -3.19 -15.88 -18.54
C PRO E 79 -2.70 -15.13 -19.77
N SER E 80 -3.50 -15.16 -20.84
CA SER E 80 -3.15 -14.49 -22.09
C SER E 80 -4.13 -13.37 -22.45
N GLU E 81 -4.19 -13.00 -23.72
CA GLU E 81 -4.97 -11.84 -24.14
C GLU E 81 -6.47 -12.10 -24.06
N SER E 82 -6.89 -13.29 -24.47
CA SER E 82 -8.30 -13.63 -24.49
C SER E 82 -8.81 -13.97 -23.10
N ASP E 83 -7.90 -14.10 -22.14
CA ASP E 83 -8.31 -14.45 -20.78
C ASP E 83 -8.98 -13.30 -20.03
N SER E 84 -8.74 -12.07 -20.47
CA SER E 84 -9.43 -10.90 -19.91
C SER E 84 -10.94 -11.05 -20.11
N GLY E 85 -11.71 -10.35 -19.28
CA GLY E 85 -13.15 -10.40 -19.36
C GLY E 85 -13.81 -10.67 -18.03
N VAL E 86 -15.12 -10.88 -18.07
CA VAL E 86 -15.90 -11.13 -16.85
C VAL E 86 -15.95 -12.62 -16.50
N TYR E 87 -15.73 -12.92 -15.23
CA TYR E 87 -15.84 -14.30 -14.76
C TYR E 87 -16.96 -14.39 -13.75
N CYS E 88 -17.85 -15.36 -13.93
CA CYS E 88 -18.97 -15.51 -13.02
C CYS E 88 -18.79 -16.74 -12.13
N CYS E 89 -19.06 -16.53 -10.85
CA CYS E 89 -18.88 -17.55 -9.83
C CYS E 89 -20.24 -17.91 -9.24
N ARG E 90 -20.72 -19.12 -9.55
CA ARG E 90 -22.05 -19.55 -9.10
C ARG E 90 -22.02 -20.43 -7.84
N ILE E 91 -22.57 -19.92 -6.74
CA ILE E 91 -22.70 -20.75 -5.55
C ILE E 91 -24.06 -21.45 -5.58
N GLU E 92 -24.05 -22.77 -5.69
CA GLU E 92 -25.28 -23.54 -5.67
C GLU E 92 -25.78 -23.71 -4.25
N VAL E 93 -27.00 -23.26 -4.03
CA VAL E 93 -27.68 -23.45 -2.75
C VAL E 93 -28.85 -24.39 -2.99
N PRO E 94 -29.05 -25.37 -2.09
CA PRO E 94 -30.16 -26.32 -2.23
C PRO E 94 -31.48 -25.59 -2.29
N GLY E 95 -32.20 -25.77 -3.40
CA GLY E 95 -33.47 -25.11 -3.60
C GLY E 95 -33.62 -24.50 -4.97
N TRP E 96 -34.59 -23.62 -5.10
CA TRP E 96 -34.84 -22.96 -6.37
C TRP E 96 -34.73 -21.44 -6.20
N PHE E 97 -34.38 -20.75 -7.28
CA PHE E 97 -34.25 -19.29 -7.27
C PHE E 97 -33.47 -18.78 -6.06
N ASN E 98 -32.49 -19.55 -5.60
CA ASN E 98 -31.77 -19.17 -4.39
C ASN E 98 -30.25 -19.25 -4.56
N ASP E 99 -29.82 -19.44 -5.80
CA ASP E 99 -28.40 -19.54 -6.08
C ASP E 99 -27.72 -18.16 -6.03
N VAL E 100 -26.41 -18.15 -5.87
CA VAL E 100 -25.66 -16.90 -5.74
C VAL E 100 -24.63 -16.72 -6.86
N LYS E 101 -24.77 -15.62 -7.59
CA LYS E 101 -23.82 -15.28 -8.67
C LYS E 101 -22.90 -14.16 -8.24
N ILE E 102 -21.62 -14.33 -8.48
CA ILE E 102 -20.66 -13.31 -8.11
C ILE E 102 -19.72 -13.05 -9.27
N ASN E 103 -19.68 -11.81 -9.72
CA ASN E 103 -18.84 -11.43 -10.86
C ASN E 103 -17.51 -10.78 -10.50
N VAL E 104 -16.47 -11.17 -11.23
CA VAL E 104 -15.14 -10.55 -11.14
C VAL E 104 -14.65 -10.30 -12.55
N ARG E 105 -14.24 -9.07 -12.84
CA ARG E 105 -13.67 -8.74 -14.15
C ARG E 105 -12.14 -8.80 -14.09
N LEU E 106 -11.52 -9.49 -15.03
CA LEU E 106 -10.06 -9.56 -15.11
C LEU E 106 -9.52 -8.69 -16.23
N ASN E 107 -8.69 -7.70 -15.87
CA ASN E 107 -8.01 -6.85 -16.86
C ASN E 107 -6.51 -7.12 -16.95
N LEU E 108 -6.09 -7.83 -17.99
CA LEU E 108 -4.67 -8.15 -18.14
C LEU E 108 -3.80 -7.03 -18.75
N GLN E 109 -2.70 -6.72 -18.08
CA GLN E 109 -1.92 -5.51 -18.33
C GLN E 109 -0.59 -5.77 -19.04
N ARG E 110 -0.20 -4.89 -19.96
CA ARG E 110 1.14 -4.96 -20.53
C ARG E 110 2.16 -4.50 -19.50
N ALA E 111 3.22 -5.29 -19.36
CA ALA E 111 4.30 -5.01 -18.42
C ALA E 111 4.92 -3.67 -18.73
N LEU E 112 5.38 -2.97 -17.70
CA LEU E 112 6.03 -1.69 -17.93
C LEU E 112 7.34 -1.56 -17.13
N VAL E 113 8.46 -1.61 -17.85
CA VAL E 113 9.76 -1.37 -17.24
C VAL E 113 10.84 -1.14 -18.28
N SER F 1 -0.69 -8.40 -8.78
CA SER F 1 -2.12 -8.24 -8.97
C SER F 1 -2.70 -7.10 -8.13
N GLU F 2 -3.67 -6.41 -8.70
CA GLU F 2 -4.36 -5.36 -7.95
C GLU F 2 -5.85 -5.67 -7.89
N THR F 3 -6.44 -5.46 -6.73
CA THR F 3 -7.87 -5.60 -6.62
C THR F 3 -8.54 -4.26 -6.42
N VAL F 4 -9.42 -3.88 -7.34
CA VAL F 4 -10.18 -2.65 -7.23
C VAL F 4 -11.70 -2.96 -7.08
N VAL F 5 -12.27 -2.53 -5.96
CA VAL F 5 -13.69 -2.67 -5.75
C VAL F 5 -14.33 -1.30 -5.93
N THR F 6 -15.35 -1.21 -6.78
CA THR F 6 -16.03 0.06 -7.04
C THR F 6 -17.50 -0.01 -6.62
N GLU F 7 -17.95 0.99 -5.85
CA GLU F 7 -19.32 1.04 -5.39
C GLU F 7 -19.84 2.47 -5.42
N VAL F 8 -21.16 2.63 -5.39
CA VAL F 8 -21.80 3.94 -5.32
C VAL F 8 -21.54 4.55 -3.94
N LEU F 9 -21.39 5.87 -3.88
CA LEU F 9 -21.25 6.57 -2.61
C LEU F 9 -22.46 6.28 -1.71
N GLY F 10 -22.18 6.11 -0.42
CA GLY F 10 -23.22 5.88 0.56
C GLY F 10 -23.77 4.46 0.54
N HIS F 11 -23.09 3.56 -0.16
CA HIS F 11 -23.51 2.17 -0.21
C HIS F 11 -22.51 1.21 0.44
N ARG F 12 -22.97 0.46 1.43
CA ARG F 12 -22.29 -0.72 1.98
C ARG F 12 -21.39 -1.38 0.93
N VAL F 13 -20.09 -1.42 1.22
CA VAL F 13 -19.12 -2.04 0.32
C VAL F 13 -18.22 -2.98 1.11
N THR F 14 -17.87 -4.10 0.52
CA THR F 14 -17.02 -5.07 1.19
C THR F 14 -15.74 -5.33 0.39
N LEU F 15 -14.60 -5.33 1.09
CA LEU F 15 -13.29 -5.50 0.45
C LEU F 15 -12.75 -6.85 0.86
N PRO F 16 -12.43 -7.70 -0.13
CA PRO F 16 -12.09 -9.11 0.09
C PRO F 16 -10.71 -9.32 0.69
N CYS F 17 -10.69 -10.09 1.78
CA CYS F 17 -9.44 -10.60 2.33
C CYS F 17 -9.71 -11.93 2.98
N LEU F 18 -9.22 -12.99 2.34
CA LEU F 18 -9.39 -14.31 2.90
C LEU F 18 -8.07 -15.07 3.05
N TYR F 19 -7.89 -15.62 4.25
CA TYR F 19 -6.71 -16.39 4.59
C TYR F 19 -7.23 -17.75 5.04
N SER F 20 -7.50 -18.63 4.09
CA SER F 20 -8.30 -19.82 4.41
C SER F 20 -7.56 -20.84 5.27
N SER F 21 -6.25 -20.69 5.40
CA SER F 21 -5.49 -21.55 6.30
C SER F 21 -5.36 -20.89 7.67
N TRP F 22 -6.37 -20.13 8.03
CA TRP F 22 -6.46 -19.48 9.34
C TRP F 22 -6.72 -20.51 10.45
N SER F 23 -6.17 -20.26 11.62
CA SER F 23 -6.48 -21.03 12.83
C SER F 23 -6.75 -20.11 14.01
N HIS F 24 -7.78 -20.41 14.79
CA HIS F 24 -8.22 -19.52 15.87
C HIS F 24 -7.17 -19.39 16.96
N ASN F 25 -6.26 -20.37 17.01
CA ASN F 25 -5.12 -20.35 17.92
C ASN F 25 -4.01 -19.42 17.41
N SER F 26 -3.48 -19.73 16.23
CA SER F 26 -2.36 -18.97 15.66
C SER F 26 -2.68 -17.51 15.33
N ASN F 27 -3.62 -17.32 14.41
CA ASN F 27 -3.77 -16.06 13.70
C ASN F 27 -4.55 -14.94 14.37
N SER F 28 -4.54 -13.78 13.72
CA SER F 28 -5.22 -12.57 14.15
C SER F 28 -4.89 -11.54 13.06
N MET F 29 -5.64 -10.44 13.01
CA MET F 29 -5.48 -9.51 11.90
C MET F 29 -5.96 -8.10 12.19
N CYS F 30 -5.74 -7.21 11.23
CA CYS F 30 -6.27 -5.87 11.31
C CYS F 30 -6.24 -5.25 9.93
N TRP F 31 -7.07 -4.23 9.74
CA TRP F 31 -7.13 -3.49 8.49
C TRP F 31 -6.59 -2.11 8.78
N GLY F 32 -6.02 -1.50 7.76
CA GLY F 32 -5.62 -0.11 7.87
C GLY F 32 -5.86 0.60 6.57
N LYS F 33 -6.03 1.91 6.64
CA LYS F 33 -6.18 2.76 5.46
C LYS F 33 -4.80 3.30 5.02
N ASP F 34 -4.65 3.54 3.72
CA ASP F 34 -3.40 4.03 3.12
C ASP F 34 -2.20 3.06 3.20
N GLN F 35 -1.86 2.63 4.41
CA GLN F 35 -0.74 1.72 4.62
C GLN F 35 -1.19 0.61 5.54
N CYS F 36 -0.43 -0.49 5.57
CA CYS F 36 -0.77 -1.58 6.47
C CYS F 36 -0.33 -1.20 7.89
N PRO F 37 -1.14 -1.58 8.88
CA PRO F 37 -0.76 -1.28 10.26
C PRO F 37 0.43 -2.12 10.68
N TYR F 38 1.17 -1.67 11.69
CA TYR F 38 2.34 -2.41 12.16
C TYR F 38 1.97 -3.75 12.81
N SER F 39 3.00 -4.50 13.19
CA SER F 39 2.84 -5.71 13.99
C SER F 39 2.09 -5.32 15.25
N GLY F 40 1.25 -6.21 15.76
CA GLY F 40 0.54 -5.94 17.00
C GLY F 40 -0.76 -5.19 16.77
N CYS F 41 -0.91 -4.69 15.55
CA CYS F 41 -2.19 -4.25 15.04
C CYS F 41 -2.92 -3.17 15.84
N LYS F 42 -2.18 -2.27 16.48
CA LYS F 42 -2.84 -1.15 17.12
C LYS F 42 -2.92 0.04 16.16
N GLU F 43 -3.71 1.05 16.52
CA GLU F 43 -4.06 2.18 15.65
C GLU F 43 -4.55 1.73 14.27
N ALA F 44 -5.28 0.61 14.25
CA ALA F 44 -5.88 0.08 13.03
C ALA F 44 -7.32 0.54 12.88
N LEU F 45 -7.91 0.27 11.72
CA LEU F 45 -9.32 0.56 11.48
C LEU F 45 -10.15 -0.34 12.37
N ILE F 46 -9.82 -1.63 12.32
CA ILE F 46 -10.51 -2.67 13.03
C ILE F 46 -9.50 -3.79 13.27
N ARG F 47 -9.71 -4.54 14.35
CA ARG F 47 -8.74 -5.51 14.82
C ARG F 47 -9.43 -6.75 15.38
N THR F 48 -8.83 -7.91 15.15
CA THR F 48 -9.40 -9.17 15.61
C THR F 48 -8.37 -10.01 16.35
N ASP F 49 -8.85 -11.08 16.99
CA ASP F 49 -7.97 -12.13 17.45
C ASP F 49 -8.23 -13.33 16.56
N GLY F 50 -8.08 -14.53 17.12
CA GLY F 50 -8.33 -15.73 16.36
C GLY F 50 -9.81 -15.97 16.08
N MET F 51 -10.69 -15.40 16.89
CA MET F 51 -12.13 -15.72 16.82
C MET F 51 -13.02 -14.52 16.47
N ARG F 52 -12.67 -13.34 16.96
CA ARG F 52 -13.58 -12.20 16.86
C ARG F 52 -12.87 -10.85 16.81
N VAL F 53 -13.56 -9.87 16.25
CA VAL F 53 -13.17 -8.47 16.35
C VAL F 53 -13.05 -8.08 17.82
N THR F 54 -11.96 -7.40 18.17
CA THR F 54 -11.74 -7.04 19.57
C THR F 54 -11.80 -5.53 19.78
N SER F 55 -11.60 -4.79 18.70
CA SER F 55 -11.79 -3.34 18.73
C SER F 55 -11.98 -2.82 17.31
N ARG F 56 -12.60 -1.65 17.21
CA ARG F 56 -12.81 -0.99 15.93
C ARG F 56 -12.54 0.48 16.17
N LYS F 57 -12.21 1.22 15.11
CA LYS F 57 -12.04 2.66 15.23
C LYS F 57 -13.41 3.36 15.25
N SER F 58 -14.41 2.71 14.64
CA SER F 58 -15.76 3.26 14.58
C SER F 58 -16.78 2.19 14.21
N ALA F 59 -18.06 2.57 14.22
CA ALA F 59 -19.16 1.67 13.88
C ALA F 59 -19.25 1.46 12.38
N LYS F 60 -18.52 2.29 11.63
CA LYS F 60 -18.44 2.21 10.18
C LYS F 60 -17.83 0.88 9.71
N TYR F 61 -17.04 0.24 10.56
CA TYR F 61 -16.27 -0.90 10.10
C TYR F 61 -16.73 -2.22 10.68
N ARG F 62 -16.94 -3.21 9.80
CA ARG F 62 -17.41 -4.51 10.23
C ARG F 62 -16.66 -5.63 9.54
N LEU F 63 -16.59 -6.76 10.22
CA LEU F 63 -16.11 -8.00 9.64
C LEU F 63 -17.24 -9.02 9.78
N GLN F 64 -18.03 -9.16 8.73
CA GLN F 64 -19.21 -10.04 8.78
C GLN F 64 -18.93 -11.41 8.23
N GLY F 65 -17.71 -11.66 7.79
CA GLY F 65 -17.36 -12.98 7.33
C GLY F 65 -17.09 -13.86 8.52
N THR F 66 -16.88 -15.14 8.29
CA THR F 66 -16.51 -16.06 9.36
C THR F 66 -15.03 -15.91 9.67
N ILE F 67 -14.70 -15.01 10.58
CA ILE F 67 -13.31 -14.80 11.00
C ILE F 67 -12.54 -16.10 11.30
N PRO F 68 -13.14 -17.04 12.05
CA PRO F 68 -12.46 -18.32 12.31
C PRO F 68 -12.16 -19.19 11.07
N ARG F 69 -12.70 -18.84 9.91
CA ARG F 69 -12.40 -19.59 8.70
C ARG F 69 -11.39 -18.82 7.85
N GLY F 70 -11.10 -17.59 8.26
CA GLY F 70 -10.13 -16.77 7.56
C GLY F 70 -10.75 -15.65 6.73
N ASP F 71 -12.07 -15.67 6.62
CA ASP F 71 -12.79 -14.64 5.91
C ASP F 71 -12.85 -13.37 6.76
N VAL F 72 -11.85 -12.50 6.56
CA VAL F 72 -11.73 -11.28 7.32
C VAL F 72 -11.89 -10.04 6.42
N SER F 73 -12.63 -10.23 5.32
CA SER F 73 -13.02 -9.14 4.44
C SER F 73 -13.62 -7.97 5.22
N LEU F 74 -13.21 -6.76 4.89
CA LEU F 74 -13.72 -5.60 5.60
C LEU F 74 -15.01 -5.12 4.94
N THR F 75 -16.02 -4.85 5.75
CA THR F 75 -17.22 -4.19 5.24
C THR F 75 -17.25 -2.79 5.76
N ILE F 76 -17.42 -1.82 4.86
CA ILE F 76 -17.55 -0.42 5.26
C ILE F 76 -18.98 0.05 5.06
N LEU F 77 -19.59 0.58 6.12
CA LEU F 77 -20.95 1.12 6.02
C LEU F 77 -20.89 2.60 5.66
N ASN F 78 -21.83 3.02 4.82
CA ASN F 78 -21.98 4.41 4.41
C ASN F 78 -20.67 5.09 4.00
N PRO F 79 -20.03 4.59 2.94
CA PRO F 79 -18.76 5.22 2.55
C PRO F 79 -18.98 6.60 1.92
N SER F 80 -18.24 7.59 2.42
CA SER F 80 -18.21 8.94 1.83
C SER F 80 -16.93 9.06 1.02
N GLU F 81 -16.76 10.15 0.30
CA GLU F 81 -15.65 10.28 -0.63
C GLU F 81 -14.25 10.03 -0.03
N SER F 82 -14.03 10.51 1.18
CA SER F 82 -12.74 10.33 1.83
C SER F 82 -12.46 8.86 2.15
N ASP F 83 -13.48 8.01 2.07
CA ASP F 83 -13.31 6.58 2.39
C ASP F 83 -12.62 5.83 1.27
N SER F 84 -12.65 6.40 0.07
CA SER F 84 -11.98 5.76 -1.06
C SER F 84 -10.44 5.80 -0.89
N GLY F 85 -9.77 4.98 -1.70
CA GLY F 85 -8.34 4.87 -1.59
C GLY F 85 -7.95 3.44 -1.35
N VAL F 86 -6.74 3.25 -0.83
CA VAL F 86 -6.19 1.93 -0.63
C VAL F 86 -6.44 1.47 0.81
N TYR F 87 -6.71 0.18 0.96
CA TYR F 87 -6.85 -0.49 2.25
C TYR F 87 -5.89 -1.68 2.30
N CYS F 88 -5.28 -1.93 3.46
CA CYS F 88 -4.36 -3.03 3.60
C CYS F 88 -4.82 -3.94 4.71
N CYS F 89 -4.87 -5.24 4.39
CA CYS F 89 -5.35 -6.25 5.31
C CYS F 89 -4.15 -7.06 5.75
N ARG F 90 -3.83 -6.98 7.02
CA ARG F 90 -2.62 -7.61 7.53
C ARG F 90 -2.95 -8.83 8.38
N ILE F 91 -2.49 -9.99 7.93
CA ILE F 91 -2.66 -11.23 8.68
C ILE F 91 -1.42 -11.50 9.53
N GLU F 92 -1.57 -11.36 10.85
CA GLU F 92 -0.49 -11.71 11.76
C GLU F 92 -0.26 -13.21 11.75
N VAL F 93 1.00 -13.61 11.62
CA VAL F 93 1.38 -15.02 11.65
C VAL F 93 2.41 -15.20 12.75
N PRO F 94 2.29 -16.28 13.53
CA PRO F 94 3.28 -16.64 14.56
C PRO F 94 4.70 -16.67 14.01
N GLY F 95 5.59 -15.91 14.64
CA GLY F 95 6.93 -15.74 14.14
C GLY F 95 7.10 -14.31 13.64
N TRP F 96 8.19 -14.08 12.89
CA TRP F 96 8.45 -12.78 12.28
C TRP F 96 8.93 -13.01 10.84
N PHE F 97 8.95 -11.93 10.06
CA PHE F 97 9.26 -11.98 8.63
C PHE F 97 8.26 -12.79 7.81
N ASN F 98 7.11 -13.11 8.39
CA ASN F 98 6.16 -14.02 7.76
C ASN F 98 4.71 -13.51 7.63
N ASP F 99 4.42 -12.35 8.19
CA ASP F 99 3.07 -11.77 8.12
C ASP F 99 2.61 -11.58 6.68
N VAL F 100 1.29 -11.51 6.49
CA VAL F 100 0.72 -11.36 5.16
C VAL F 100 0.02 -10.00 5.01
N LYS F 101 0.30 -9.32 3.92
CA LYS F 101 -0.32 -8.04 3.64
C LYS F 101 -1.09 -8.08 2.32
N ILE F 102 -2.33 -7.62 2.37
CA ILE F 102 -3.20 -7.65 1.20
C ILE F 102 -3.81 -6.28 0.95
N ASN F 103 -3.64 -5.78 -0.27
CA ASN F 103 -4.12 -4.47 -0.64
C ASN F 103 -5.34 -4.53 -1.53
N VAL F 104 -6.35 -3.74 -1.20
CA VAL F 104 -7.53 -3.61 -2.06
C VAL F 104 -7.74 -2.13 -2.27
N ARG F 105 -7.97 -1.70 -3.51
CA ARG F 105 -8.36 -0.32 -3.73
C ARG F 105 -9.87 -0.19 -3.66
N LEU F 106 -10.34 0.87 -3.03
CA LEU F 106 -11.73 1.25 -3.04
C LEU F 106 -11.96 2.49 -3.88
N ASN F 107 -12.55 2.32 -5.06
CA ASN F 107 -13.09 3.45 -5.80
C ASN F 107 -14.59 3.68 -5.52
N LEU F 108 -15.02 4.94 -5.56
CA LEU F 108 -16.40 5.29 -5.25
C LEU F 108 -17.06 6.07 -6.40
N GLN F 109 -18.31 5.71 -6.70
CA GLN F 109 -19.04 6.38 -7.77
C GLN F 109 -19.99 7.45 -7.24
N ARG F 110 -19.89 8.64 -7.80
CA ARG F 110 -20.66 9.80 -7.38
C ARG F 110 -21.67 10.16 -8.45
N ALA F 111 -22.42 11.24 -8.21
CA ALA F 111 -23.43 11.69 -9.15
C ALA F 111 -23.80 13.14 -8.90
#